data_1ADC
#
_entry.id   1ADC
#
_cell.length_a   51.900
_cell.length_b   44.800
_cell.length_c   93.000
_cell.angle_alpha   103.10
_cell.angle_beta   87.80
_cell.angle_gamma   70.40
#
_symmetry.space_group_name_H-M   'P 1'
#
loop_
_entity.id
_entity.type
_entity.pdbx_description
1 polymer 'ALCOHOL DEHYDROGENASE'
2 non-polymer 'ZINC ION'
3 non-polymer '5-BETA-D-RIBOFURANOSYLPICOLINAMIDE ADENINE-DINUCLEOTIDE'
4 non-polymer ETHANOL
5 water water
#
_entity_poly.entity_id   1
_entity_poly.type   'polypeptide(L)'
_entity_poly.pdbx_seq_one_letter_code
;STAGKVIKCKAAVLWEEKKPFSIEEVEVAPPKAHEVRIKMVATGICRSDDHVVSGTLVTPLPVIAGHEAAGIVESIGEGV
TTVRPGDKVIPLFTPQCGKCRVCKHPEGNFCLKNDLSMPRGTMQDGTSRFTCRGKPIHHFLGTSTFSQYTVVDEISVAKI
DAASPLEKVCLIGCGFSTGYGSAVKVAKVTQGSTCAVFGLGGVGLSVIMGCKAAGAARIIGVDINKDKFAKAKEVGATEC
VNPQDYKKPIQEVLTEMSNGGVDFSFEVIGRLDTMVTALSCCQEAYGVSVIVGVPPDSQNLSMNPMLLLSGRTWKGAIFG
GFKSKDSVPKLVADFMAKKFALDPLITHVLPFEKINEGFDLLRSGESIRTILTF
;
_entity_poly.pdbx_strand_id   A,B
#
# COMPACT_ATOMS: atom_id res chain seq x y z
N SER A 1 40.73 10.73 21.47
CA SER A 1 41.91 11.44 20.89
C SER A 1 42.62 10.54 19.88
N THR A 2 43.39 11.15 18.98
CA THR A 2 44.19 10.46 17.94
C THR A 2 44.68 9.06 18.33
N ALA A 3 44.84 8.19 17.33
CA ALA A 3 45.33 6.85 17.59
C ALA A 3 45.53 5.96 16.37
N GLY A 4 45.70 4.68 16.70
CA GLY A 4 45.88 3.61 15.75
C GLY A 4 45.64 2.36 16.57
N LYS A 5 45.00 2.54 17.72
CA LYS A 5 44.68 1.47 18.63
C LYS A 5 43.62 1.90 19.66
N VAL A 6 43.28 0.99 20.56
CA VAL A 6 42.26 1.21 21.58
C VAL A 6 42.24 2.62 22.14
N ILE A 7 41.03 3.12 22.38
CA ILE A 7 40.80 4.44 22.96
C ILE A 7 39.81 4.24 24.09
N LYS A 8 40.09 4.81 25.26
CA LYS A 8 39.17 4.70 26.39
C LYS A 8 38.32 5.93 26.36
N CYS A 9 37.01 5.81 26.54
CA CYS A 9 36.18 7.01 26.56
C CYS A 9 34.86 6.89 27.28
N LYS A 10 34.07 7.94 27.19
CA LYS A 10 32.79 7.99 27.84
C LYS A 10 31.70 7.50 26.88
N ALA A 11 30.62 6.94 27.44
CA ALA A 11 29.52 6.43 26.65
C ALA A 11 28.30 6.16 27.51
N ALA A 12 27.13 6.20 26.87
CA ALA A 12 25.91 5.94 27.58
C ALA A 12 25.61 4.46 27.41
N VAL A 13 25.92 3.68 28.42
CA VAL A 13 25.67 2.23 28.39
C VAL A 13 24.24 1.92 28.82
N LEU A 14 23.52 1.12 28.03
CA LEU A 14 22.15 0.72 28.38
C LEU A 14 22.32 -0.73 28.81
N TRP A 15 22.29 -0.97 30.11
CA TRP A 15 22.49 -2.32 30.65
C TRP A 15 21.22 -3.16 30.62
N GLU A 16 20.10 -2.57 30.99
CA GLU A 16 18.85 -3.30 30.96
C GLU A 16 17.73 -2.35 30.56
N GLU A 17 16.60 -2.91 30.17
CA GLU A 17 15.46 -2.11 29.74
C GLU A 17 14.72 -1.47 30.90
N LYS A 18 14.11 -0.33 30.61
CA LYS A 18 13.33 0.45 31.56
C LYS A 18 14.22 0.83 32.74
N LYS A 19 15.40 1.30 32.38
CA LYS A 19 16.42 1.72 33.33
C LYS A 19 17.15 2.89 32.69
N PRO A 20 17.74 3.76 33.52
CA PRO A 20 18.46 4.92 33.01
C PRO A 20 19.76 4.54 32.29
N PHE A 21 20.28 5.46 31.48
CA PHE A 21 21.53 5.19 30.81
C PHE A 21 22.61 5.42 31.87
N SER A 22 23.72 4.72 31.70
CA SER A 22 24.84 4.79 32.61
C SER A 22 25.97 5.41 31.80
N ILE A 23 26.40 6.61 32.18
CA ILE A 23 27.51 7.26 31.47
C ILE A 23 28.82 6.66 32.01
N GLU A 24 29.57 5.94 31.16
CA GLU A 24 30.83 5.35 31.59
C GLU A 24 31.92 5.18 30.53
N GLU A 25 33.00 4.54 30.96
CA GLU A 25 34.18 4.33 30.12
C GLU A 25 34.19 3.07 29.30
N VAL A 26 34.59 3.21 28.04
CA VAL A 26 34.66 2.09 27.12
C VAL A 26 35.95 2.12 26.29
N GLU A 27 36.42 0.95 25.93
CA GLU A 27 37.61 0.84 25.12
C GLU A 27 37.10 0.68 23.71
N VAL A 28 37.27 1.72 22.92
CA VAL A 28 36.81 1.71 21.54
C VAL A 28 37.96 1.24 20.66
N ALA A 29 37.95 -0.02 20.27
CA ALA A 29 39.02 -0.56 19.42
C ALA A 29 39.17 0.19 18.09
N PRO A 30 40.38 0.22 17.53
CA PRO A 30 40.66 0.89 16.26
C PRO A 30 39.90 0.20 15.11
N PRO A 31 39.60 0.94 14.02
CA PRO A 31 38.88 0.40 12.87
C PRO A 31 39.56 -0.69 12.06
N LYS A 32 38.90 -1.84 11.96
CA LYS A 32 39.45 -2.93 11.18
C LYS A 32 39.39 -2.52 9.73
N ALA A 33 39.66 -3.47 8.84
CA ALA A 33 39.63 -3.16 7.44
C ALA A 33 38.27 -2.57 7.16
N HIS A 34 38.24 -1.66 6.20
CA HIS A 34 37.02 -1.00 5.76
C HIS A 34 36.07 -0.49 6.84
N GLU A 35 36.62 -0.15 8.00
CA GLU A 35 35.84 0.42 9.09
C GLU A 35 36.42 1.80 9.31
N VAL A 36 35.70 2.60 10.08
CA VAL A 36 36.06 3.98 10.36
C VAL A 36 35.74 4.29 11.84
N ARG A 37 36.67 4.96 12.55
CA ARG A 37 36.45 5.32 13.95
C ARG A 37 36.08 6.77 13.81
N ILE A 38 35.12 7.25 14.58
CA ILE A 38 34.67 8.64 14.41
C ILE A 38 34.51 9.36 15.72
N LYS A 39 34.81 10.65 15.72
CA LYS A 39 34.69 11.48 16.91
C LYS A 39 33.34 12.17 16.78
N MET A 40 32.48 11.89 17.75
CA MET A 40 31.12 12.42 17.79
C MET A 40 30.99 13.88 18.23
N VAL A 41 30.62 14.76 17.29
CA VAL A 41 30.43 16.19 17.59
C VAL A 41 29.07 16.43 18.25
N ALA A 42 27.99 15.97 17.61
CA ALA A 42 26.64 16.14 18.13
C ALA A 42 25.77 14.93 17.78
N THR A 43 24.72 14.70 18.57
CA THR A 43 23.76 13.59 18.40
C THR A 43 22.32 13.98 18.78
N GLY A 44 21.34 13.54 17.99
CA GLY A 44 19.94 13.83 18.28
C GLY A 44 19.22 12.67 18.96
N ILE A 45 18.30 12.99 19.86
CA ILE A 45 17.52 11.96 20.54
C ILE A 45 16.22 11.75 19.75
N CYS A 46 16.22 10.65 18.99
CA CYS A 46 15.11 10.23 18.14
C CYS A 46 14.30 9.28 18.98
N ARG A 47 13.00 9.18 18.71
CA ARG A 47 12.16 8.33 19.53
C ARG A 47 12.58 6.88 19.56
N SER A 48 13.18 6.40 18.47
CA SER A 48 13.63 5.03 18.38
C SER A 48 14.58 4.61 19.50
N ASP A 49 15.53 5.48 19.83
CA ASP A 49 16.51 5.18 20.89
C ASP A 49 15.71 4.87 22.17
N ASP A 50 14.62 5.61 22.38
CA ASP A 50 13.78 5.43 23.55
C ASP A 50 13.00 4.11 23.47
N HIS A 51 12.71 3.65 22.24
CA HIS A 51 11.98 2.40 22.10
C HIS A 51 12.85 1.33 22.67
N VAL A 52 14.12 1.34 22.26
CA VAL A 52 15.10 0.38 22.76
C VAL A 52 14.94 0.21 24.29
N VAL A 53 15.02 1.31 25.02
CA VAL A 53 14.91 1.26 26.48
C VAL A 53 13.57 0.76 26.97
N SER A 54 12.50 1.06 26.25
CA SER A 54 11.17 0.61 26.70
C SER A 54 10.97 -0.86 26.35
N GLY A 55 11.74 -1.33 25.37
CA GLY A 55 11.62 -2.71 24.94
C GLY A 55 10.69 -2.80 23.75
N THR A 56 10.31 -1.65 23.19
CA THR A 56 9.42 -1.62 22.03
C THR A 56 10.22 -2.07 20.80
N LEU A 57 11.48 -1.66 20.72
CA LEU A 57 12.35 -1.99 19.61
C LEU A 57 13.39 -2.93 20.19
N VAL A 58 13.17 -4.23 20.02
CA VAL A 58 14.07 -5.26 20.54
C VAL A 58 15.39 -5.33 19.80
N THR A 59 16.43 -5.08 20.57
CA THR A 59 17.78 -5.09 20.08
C THR A 59 18.50 -5.69 21.28
N PRO A 60 19.59 -6.41 21.03
CA PRO A 60 20.32 -7.02 22.14
C PRO A 60 21.02 -6.07 23.11
N LEU A 61 20.85 -6.36 24.40
CA LEU A 61 21.47 -5.61 25.50
C LEU A 61 22.68 -6.42 26.04
N PRO A 62 23.67 -5.74 26.64
CA PRO A 62 23.80 -4.29 26.85
C PRO A 62 24.19 -3.59 25.55
N VAL A 63 23.77 -2.33 25.40
CA VAL A 63 24.05 -1.61 24.17
C VAL A 63 24.32 -0.11 24.31
N ILE A 64 25.14 0.38 23.39
CA ILE A 64 25.42 1.80 23.27
C ILE A 64 24.51 2.22 22.09
N ALA A 65 23.44 2.90 22.45
CA ALA A 65 22.45 3.39 21.53
C ALA A 65 22.90 4.58 20.66
N GLY A 66 21.92 5.36 20.23
CA GLY A 66 22.19 6.50 19.39
C GLY A 66 22.31 6.18 17.90
N HIS A 67 21.75 7.04 17.04
CA HIS A 67 21.86 6.83 15.60
C HIS A 67 21.82 8.12 14.79
N GLU A 68 21.21 9.18 15.32
CA GLU A 68 21.27 10.41 14.54
C GLU A 68 22.34 11.31 15.11
N ALA A 69 23.40 11.47 14.32
CA ALA A 69 24.54 12.24 14.74
C ALA A 69 25.44 12.57 13.59
N ALA A 70 26.38 13.47 13.86
CA ALA A 70 27.39 13.91 12.92
C ALA A 70 28.64 13.90 13.77
N GLY A 71 29.78 13.71 13.13
CA GLY A 71 31.04 13.68 13.84
C GLY A 71 32.16 13.97 12.89
N ILE A 72 33.40 13.76 13.32
CA ILE A 72 34.56 14.03 12.47
C ILE A 72 35.37 12.75 12.48
N VAL A 73 36.07 12.44 11.38
CA VAL A 73 36.84 11.19 11.32
C VAL A 73 38.19 11.19 12.01
N GLU A 74 38.30 10.33 13.01
CA GLU A 74 39.53 10.17 13.79
C GLU A 74 40.55 9.24 13.12
N SER A 75 40.07 8.10 12.64
CA SER A 75 40.94 7.09 12.04
C SER A 75 40.15 6.23 11.02
N ILE A 76 40.86 5.64 10.06
CA ILE A 76 40.23 4.79 9.08
C ILE A 76 40.99 3.45 8.93
N GLY A 77 40.23 2.38 8.78
CA GLY A 77 40.82 1.05 8.63
C GLY A 77 41.31 0.84 7.21
N GLU A 78 42.04 -0.24 7.02
CA GLU A 78 42.61 -0.59 5.72
C GLU A 78 41.59 -0.70 4.58
N GLY A 79 41.92 -0.10 3.45
CA GLY A 79 41.05 -0.17 2.30
C GLY A 79 40.01 0.93 2.17
N VAL A 80 39.69 1.62 3.26
CA VAL A 80 38.71 2.71 3.19
C VAL A 80 39.07 3.63 2.02
N THR A 81 38.08 3.99 1.20
CA THR A 81 38.33 4.82 0.02
C THR A 81 37.42 6.02 -0.06
N THR A 82 36.44 6.08 0.82
CA THR A 82 35.45 7.15 0.80
C THR A 82 35.60 8.37 1.70
N VAL A 83 36.13 8.18 2.92
CA VAL A 83 36.33 9.28 3.85
C VAL A 83 37.76 9.30 4.39
N ARG A 84 38.35 10.48 4.51
CA ARG A 84 39.70 10.62 5.06
C ARG A 84 39.60 11.10 6.51
N PRO A 85 40.71 11.02 7.27
CA PRO A 85 40.66 11.47 8.66
C PRO A 85 40.52 13.00 8.63
N GLY A 86 39.59 13.52 9.42
CA GLY A 86 39.35 14.96 9.44
C GLY A 86 38.09 15.41 8.70
N ASP A 87 37.46 14.50 7.98
CA ASP A 87 36.24 14.84 7.25
C ASP A 87 35.05 14.91 8.20
N LYS A 88 34.16 15.88 7.97
CA LYS A 88 32.96 15.97 8.79
C LYS A 88 32.08 14.89 8.13
N VAL A 89 31.47 14.02 8.95
CA VAL A 89 30.64 12.94 8.42
C VAL A 89 29.41 12.58 9.23
N ILE A 90 28.62 11.66 8.69
CA ILE A 90 27.40 11.20 9.35
C ILE A 90 27.26 9.70 9.24
N PRO A 91 27.23 8.99 10.39
CA PRO A 91 27.08 7.54 10.33
C PRO A 91 25.67 7.35 9.74
N LEU A 92 25.33 6.15 9.30
CA LEU A 92 24.02 5.91 8.71
C LEU A 92 23.42 4.60 9.23
N PHE A 93 22.27 4.68 9.89
CA PHE A 93 21.60 3.45 10.37
C PHE A 93 21.10 2.55 9.20
N THR A 94 21.03 3.13 8.00
CA THR A 94 20.59 2.39 6.84
C THR A 94 21.80 2.32 5.92
N PRO A 95 22.43 1.15 5.83
CA PRO A 95 23.60 0.92 5.00
C PRO A 95 23.38 1.22 3.53
N GLN A 96 24.42 1.02 2.72
CA GLN A 96 24.31 1.16 1.30
C GLN A 96 25.44 0.45 0.64
N CYS A 97 25.63 -0.80 1.06
CA CYS A 97 26.67 -1.67 0.51
C CYS A 97 26.89 -1.49 -0.99
N GLY A 98 25.83 -1.18 -1.74
CA GLY A 98 25.99 -1.03 -3.18
C GLY A 98 26.03 -2.32 -4.00
N LYS A 99 26.13 -3.46 -3.33
CA LYS A 99 26.18 -4.74 -4.03
C LYS A 99 24.82 -5.50 -4.11
N CYS A 100 23.99 -5.36 -3.08
CA CYS A 100 22.70 -6.03 -3.00
C CYS A 100 21.57 -5.51 -3.92
N ARG A 101 20.55 -6.36 -4.06
CA ARG A 101 19.35 -6.10 -4.89
C ARG A 101 18.71 -4.76 -4.63
N VAL A 102 18.55 -4.43 -3.36
CA VAL A 102 17.96 -3.16 -2.99
C VAL A 102 18.77 -1.95 -3.50
N CYS A 103 20.07 -1.92 -3.20
CA CYS A 103 20.95 -0.82 -3.61
C CYS A 103 21.03 -0.70 -5.11
N LYS A 104 20.79 -1.82 -5.79
CA LYS A 104 20.82 -1.85 -7.23
C LYS A 104 19.47 -1.40 -7.75
N HIS A 105 18.43 -1.59 -6.94
CA HIS A 105 17.10 -1.20 -7.33
C HIS A 105 17.06 0.31 -7.24
N PRO A 106 16.68 0.98 -8.33
CA PRO A 106 16.61 2.45 -8.35
C PRO A 106 15.66 3.04 -7.33
N GLU A 107 14.69 2.25 -6.87
CA GLU A 107 13.71 2.75 -5.93
C GLU A 107 13.92 2.43 -4.45
N GLY A 108 14.07 1.15 -4.11
CA GLY A 108 14.22 0.77 -2.70
C GLY A 108 15.49 1.27 -2.04
N ASN A 109 15.45 1.49 -0.72
CA ASN A 109 16.64 1.98 0.01
C ASN A 109 17.10 1.12 1.19
N PHE A 110 16.20 0.26 1.69
CA PHE A 110 16.48 -0.61 2.84
C PHE A 110 17.49 -1.72 2.52
N CYS A 111 18.78 -1.40 2.66
CA CYS A 111 19.86 -2.33 2.39
C CYS A 111 19.83 -3.66 3.12
N LEU A 112 20.18 -4.71 2.38
CA LEU A 112 20.26 -6.05 2.92
C LEU A 112 21.34 -6.18 4.01
N LYS A 113 22.19 -5.17 4.16
CA LYS A 113 23.24 -5.22 5.16
C LYS A 113 22.79 -4.53 6.42
N ASN A 114 21.51 -4.24 6.54
CA ASN A 114 21.00 -3.55 7.72
C ASN A 114 20.83 -4.50 8.94
N ASP A 115 20.82 -3.91 10.12
CA ASP A 115 20.72 -4.68 11.36
C ASP A 115 19.44 -4.31 12.09
N LEU A 116 18.49 -3.76 11.33
CA LEU A 116 17.21 -3.34 11.88
C LEU A 116 16.19 -4.48 11.87
N SER A 117 16.03 -5.15 10.74
CA SER A 117 15.08 -6.26 10.65
C SER A 117 15.50 -7.41 11.54
N MET A 118 16.78 -7.75 11.56
CA MET A 118 17.25 -8.84 12.42
C MET A 118 18.43 -8.36 13.20
N PRO A 119 18.18 -7.59 14.28
CA PRO A 119 19.23 -7.04 15.13
C PRO A 119 20.18 -8.04 15.79
N ARG A 120 21.40 -8.03 15.26
CA ARG A 120 22.54 -8.84 15.70
C ARG A 120 23.19 -8.10 16.88
N GLY A 121 23.40 -6.81 16.69
CA GLY A 121 24.02 -6.00 17.74
C GLY A 121 25.53 -6.06 17.65
N THR A 122 26.02 -6.22 16.43
CA THR A 122 27.44 -6.33 16.18
C THR A 122 27.79 -5.44 15.00
N MET A 123 28.94 -5.73 14.42
CA MET A 123 29.48 -5.02 13.26
C MET A 123 29.25 -6.05 12.16
N GLN A 124 29.60 -5.68 10.93
CA GLN A 124 29.43 -6.57 9.79
C GLN A 124 30.14 -7.88 9.97
N ASP A 125 31.30 -7.83 10.62
CA ASP A 125 32.10 -9.03 10.84
C ASP A 125 31.56 -9.87 11.99
N GLY A 126 30.43 -9.46 12.54
CA GLY A 126 29.84 -10.21 13.61
C GLY A 126 30.48 -9.99 14.96
N THR A 127 31.42 -9.05 15.01
CA THR A 127 32.13 -8.76 16.25
C THR A 127 31.82 -7.35 16.77
N SER A 128 31.98 -7.16 18.07
CA SER A 128 31.77 -5.87 18.70
C SER A 128 33.01 -4.98 18.56
N ARG A 129 33.05 -3.93 19.35
CA ARG A 129 34.14 -2.97 19.30
C ARG A 129 34.05 -2.15 20.59
N PHE A 130 33.18 -2.58 21.51
CA PHE A 130 32.95 -1.89 22.80
C PHE A 130 33.12 -2.86 23.94
N THR A 131 33.83 -2.42 24.97
CA THR A 131 34.06 -3.26 26.14
C THR A 131 33.87 -2.36 27.34
N CYS A 132 32.96 -2.73 28.23
CA CYS A 132 32.69 -1.94 29.42
C CYS A 132 32.76 -2.90 30.59
N ARG A 133 33.31 -2.41 31.71
CA ARG A 133 33.55 -3.23 32.90
C ARG A 133 34.50 -4.21 32.19
N GLY A 134 34.15 -5.49 32.10
CA GLY A 134 35.04 -6.39 31.39
C GLY A 134 34.38 -6.94 30.14
N LYS A 135 33.06 -7.02 30.18
CA LYS A 135 32.24 -7.58 29.12
C LYS A 135 31.95 -6.67 27.94
N PRO A 136 31.92 -7.26 26.73
CA PRO A 136 31.65 -6.58 25.45
C PRO A 136 30.23 -6.00 25.45
N ILE A 137 30.03 -4.97 24.65
CA ILE A 137 28.72 -4.29 24.57
C ILE A 137 28.31 -4.29 23.07
N HIS A 138 27.01 -4.43 22.78
CA HIS A 138 26.56 -4.42 21.38
C HIS A 138 26.47 -3.02 20.84
N HIS A 139 26.43 -2.94 19.52
CA HIS A 139 26.31 -1.69 18.81
C HIS A 139 24.81 -1.58 18.50
N PHE A 140 24.39 -0.50 17.83
CA PHE A 140 22.99 -0.27 17.47
C PHE A 140 22.94 0.18 16.05
N LEU A 141 22.13 -0.49 15.22
CA LEU A 141 21.98 -0.16 13.81
C LEU A 141 23.31 0.04 13.09
N GLY A 142 24.40 -0.43 13.71
CA GLY A 142 25.72 -0.30 13.12
C GLY A 142 26.26 1.11 13.13
N THR A 143 25.66 1.92 14.00
CA THR A 143 26.04 3.31 14.22
C THR A 143 26.36 3.57 15.71
N SER A 144 25.36 3.49 16.60
CA SER A 144 25.55 3.75 18.03
C SER A 144 26.38 5.02 18.21
N THR A 145 25.70 6.16 18.26
CA THR A 145 26.36 7.45 18.36
C THR A 145 26.39 8.07 19.75
N PHE A 146 25.81 7.39 20.73
CA PHE A 146 25.83 7.91 22.11
C PHE A 146 27.13 7.54 22.83
N SER A 147 28.24 7.91 22.22
CA SER A 147 29.57 7.62 22.71
C SER A 147 30.47 8.70 22.10
N GLN A 148 31.54 9.09 22.79
CA GLN A 148 32.42 10.11 22.25
C GLN A 148 33.12 9.59 21.02
N TYR A 149 33.35 8.28 21.01
CA TYR A 149 34.00 7.67 19.88
C TYR A 149 33.25 6.41 19.55
N THR A 150 33.17 6.13 18.26
CA THR A 150 32.48 4.94 17.79
C THR A 150 33.14 4.49 16.48
N VAL A 151 32.84 3.27 16.04
CA VAL A 151 33.43 2.78 14.77
C VAL A 151 32.34 2.29 13.82
N VAL A 152 32.20 2.88 12.63
CA VAL A 152 31.18 2.41 11.68
C VAL A 152 31.82 1.83 10.43
N ASP A 153 31.09 0.96 9.73
CA ASP A 153 31.61 0.35 8.50
C ASP A 153 31.57 1.42 7.44
N GLU A 154 32.43 1.28 6.44
CA GLU A 154 32.53 2.24 5.35
C GLU A 154 31.20 2.47 4.65
N ILE A 155 30.35 1.46 4.69
CA ILE A 155 29.04 1.49 4.06
C ILE A 155 27.99 2.29 4.85
N SER A 156 28.29 2.49 6.14
CA SER A 156 27.40 3.22 7.04
C SER A 156 27.86 4.62 7.39
N VAL A 157 28.58 5.29 6.49
CA VAL A 157 29.04 6.62 6.79
C VAL A 157 29.05 7.44 5.53
N ALA A 158 28.63 8.69 5.65
CA ALA A 158 28.58 9.64 4.55
C ALA A 158 29.47 10.86 4.80
N LYS A 159 30.35 11.16 3.85
CA LYS A 159 31.19 12.33 3.97
C LYS A 159 30.27 13.51 3.65
N ILE A 160 30.29 14.55 4.48
CA ILE A 160 29.49 15.73 4.25
C ILE A 160 30.35 16.99 4.16
N ASP A 161 29.79 18.01 3.53
CA ASP A 161 30.42 19.32 3.33
C ASP A 161 31.27 19.79 4.51
N ALA A 162 32.54 20.09 4.21
CA ALA A 162 33.50 20.54 5.21
C ALA A 162 33.02 21.74 6.01
N ALA A 163 32.18 22.57 5.40
CA ALA A 163 31.65 23.77 6.07
C ALA A 163 30.25 23.61 6.69
N SER A 164 29.80 22.37 6.87
CA SER A 164 28.47 22.12 7.41
C SER A 164 28.40 22.20 8.93
N PRO A 165 27.37 22.86 9.46
CA PRO A 165 27.18 23.04 10.90
C PRO A 165 26.70 21.76 11.59
N LEU A 166 27.63 20.86 11.87
CA LEU A 166 27.33 19.55 12.50
C LEU A 166 26.34 19.44 13.68
N GLU A 167 26.02 20.52 14.35
CA GLU A 167 25.08 20.43 15.48
C GLU A 167 23.66 20.78 15.03
N LYS A 168 23.52 20.95 13.72
CA LYS A 168 22.25 21.22 13.07
C LYS A 168 22.04 20.08 12.06
N VAL A 169 23.02 19.93 11.16
CA VAL A 169 23.01 18.90 10.15
C VAL A 169 22.92 17.45 10.66
N CYS A 170 23.08 17.23 11.96
CA CYS A 170 23.00 15.86 12.46
C CYS A 170 21.57 15.32 12.30
N LEU A 171 20.61 16.24 12.35
CA LEU A 171 19.19 15.93 12.23
C LEU A 171 18.89 15.20 10.91
N ILE A 172 19.73 15.45 9.92
CA ILE A 172 19.66 14.86 8.59
C ILE A 172 19.99 13.36 8.57
N GLY A 173 20.56 12.86 9.66
CA GLY A 173 20.90 11.46 9.72
C GLY A 173 19.72 10.61 10.13
N CYS A 174 18.58 11.25 10.42
CA CYS A 174 17.37 10.54 10.79
C CYS A 174 16.13 11.45 10.74
N GLY A 175 15.73 11.96 11.90
CA GLY A 175 14.54 12.80 11.98
C GLY A 175 14.15 13.60 10.75
N PHE A 176 15.03 14.47 10.27
CA PHE A 176 14.68 15.28 9.12
C PHE A 176 14.50 14.46 7.85
N SER A 177 15.59 13.89 7.36
CA SER A 177 15.59 13.10 6.14
C SER A 177 14.42 12.12 6.02
N THR A 178 14.00 11.52 7.15
CA THR A 178 12.88 10.59 7.08
C THR A 178 11.55 11.32 6.93
N GLY A 179 11.29 12.29 7.80
CA GLY A 179 10.05 13.04 7.68
C GLY A 179 9.97 13.69 6.31
N TYR A 180 11.03 14.39 5.92
CA TYR A 180 11.10 15.08 4.62
C TYR A 180 11.04 14.08 3.45
N GLY A 181 11.67 12.92 3.62
CA GLY A 181 11.69 11.92 2.57
C GLY A 181 10.38 11.16 2.40
N SER A 182 9.63 10.95 3.49
CA SER A 182 8.35 10.26 3.45
C SER A 182 7.41 10.99 2.50
N ALA A 183 7.21 12.27 2.79
CA ALA A 183 6.34 13.14 2.04
C ALA A 183 6.79 13.47 0.63
N VAL A 184 8.07 13.74 0.44
CA VAL A 184 8.52 14.11 -0.90
C VAL A 184 8.94 12.92 -1.76
N LYS A 185 9.43 11.86 -1.11
CA LYS A 185 9.92 10.69 -1.81
C LYS A 185 8.88 9.56 -1.81
N VAL A 186 8.63 9.01 -0.64
CA VAL A 186 7.71 7.92 -0.46
C VAL A 186 6.28 8.14 -0.98
N ALA A 187 5.49 8.96 -0.27
CA ALA A 187 4.10 9.18 -0.70
C ALA A 187 3.94 10.08 -1.91
N LYS A 188 4.97 10.85 -2.23
CA LYS A 188 4.96 11.76 -3.37
C LYS A 188 3.79 12.73 -3.33
N VAL A 189 3.75 13.56 -2.28
CA VAL A 189 2.71 14.56 -2.11
C VAL A 189 2.67 15.45 -3.35
N THR A 190 1.48 15.92 -3.71
CA THR A 190 1.35 16.74 -4.92
C THR A 190 0.79 18.15 -4.72
N GLN A 191 1.23 19.07 -5.57
CA GLN A 191 0.77 20.43 -5.43
C GLN A 191 -0.75 20.53 -5.36
N GLY A 192 -1.25 21.08 -4.27
CA GLY A 192 -2.69 21.25 -4.12
C GLY A 192 -3.32 20.28 -3.16
N SER A 193 -2.60 19.20 -2.85
CA SER A 193 -3.14 18.18 -1.97
C SER A 193 -3.57 18.58 -0.59
N THR A 194 -4.16 17.62 0.11
CA THR A 194 -4.60 17.79 1.48
C THR A 194 -4.00 16.62 2.22
N CYS A 195 -2.97 16.92 3.01
CA CYS A 195 -2.22 15.94 3.78
C CYS A 195 -2.60 15.98 5.24
N ALA A 196 -2.48 14.86 5.93
CA ALA A 196 -2.77 14.81 7.36
C ALA A 196 -1.56 14.09 8.02
N VAL A 197 -1.12 14.62 9.17
CA VAL A 197 0.06 14.12 9.87
C VAL A 197 -0.22 13.65 11.30
N PHE A 198 -0.10 12.36 11.57
CA PHE A 198 -0.36 11.85 12.90
C PHE A 198 0.94 11.82 13.67
N GLY A 199 1.06 12.71 14.65
CA GLY A 199 2.29 12.81 15.45
C GLY A 199 2.98 14.10 15.07
N LEU A 200 3.15 15.00 16.04
CA LEU A 200 3.80 16.30 15.79
C LEU A 200 5.13 16.48 16.54
N GLY A 201 5.95 15.44 16.47
CA GLY A 201 7.27 15.44 17.06
C GLY A 201 8.28 15.74 15.99
N GLY A 202 9.53 15.36 16.24
CA GLY A 202 10.58 15.67 15.30
C GLY A 202 10.36 15.21 13.89
N VAL A 203 9.98 13.96 13.75
CA VAL A 203 9.77 13.36 12.43
C VAL A 203 8.50 13.91 11.78
N GLY A 204 7.44 14.04 12.57
CA GLY A 204 6.19 14.59 12.05
C GLY A 204 6.35 16.01 11.51
N LEU A 205 6.98 16.89 12.29
CA LEU A 205 7.14 18.25 11.85
C LEU A 205 7.96 18.30 10.57
N SER A 206 8.81 17.31 10.38
CA SER A 206 9.63 17.26 9.18
C SER A 206 8.79 16.80 8.00
N VAL A 207 7.76 16.01 8.27
CA VAL A 207 6.85 15.54 7.22
C VAL A 207 6.04 16.77 6.79
N ILE A 208 5.57 17.55 7.76
CA ILE A 208 4.84 18.77 7.47
C ILE A 208 5.73 19.66 6.57
N MET A 209 7.04 19.64 6.80
CA MET A 209 7.95 20.42 5.97
C MET A 209 7.94 19.85 4.58
N GLY A 210 7.86 18.52 4.48
CA GLY A 210 7.83 17.87 3.19
C GLY A 210 6.57 18.22 2.40
N CYS A 211 5.41 17.91 2.98
CA CYS A 211 4.14 18.18 2.36
C CYS A 211 4.17 19.61 1.84
N LYS A 212 4.54 20.54 2.70
CA LYS A 212 4.60 21.96 2.31
C LYS A 212 5.63 22.24 1.22
N ALA A 213 6.71 21.49 1.17
CA ALA A 213 7.68 21.75 0.13
C ALA A 213 7.07 21.28 -1.17
N ALA A 214 6.32 20.17 -1.08
CA ALA A 214 5.69 19.55 -2.23
C ALA A 214 4.51 20.40 -2.74
N GLY A 215 4.00 21.28 -1.88
CA GLY A 215 2.93 22.14 -2.32
C GLY A 215 1.54 21.74 -1.87
N ALA A 216 1.44 20.92 -0.82
CA ALA A 216 0.14 20.51 -0.32
C ALA A 216 -0.60 21.79 0.03
N ALA A 217 -1.89 21.86 -0.30
CA ALA A 217 -2.66 23.06 0.00
C ALA A 217 -3.23 23.01 1.39
N ARG A 218 -3.28 21.82 1.98
CA ARG A 218 -3.81 21.72 3.33
C ARG A 218 -3.00 20.60 4.02
N ILE A 219 -2.67 20.82 5.29
CA ILE A 219 -1.88 19.89 6.07
C ILE A 219 -2.53 19.96 7.44
N ILE A 220 -3.20 18.88 7.83
CA ILE A 220 -3.86 18.83 9.11
C ILE A 220 -3.02 17.99 10.07
N GLY A 221 -2.45 18.63 11.09
CA GLY A 221 -1.64 17.91 12.04
C GLY A 221 -2.51 17.38 13.13
N VAL A 222 -2.33 16.11 13.47
CA VAL A 222 -3.15 15.53 14.53
C VAL A 222 -2.17 15.16 15.62
N ASP A 223 -2.55 15.44 16.86
CA ASP A 223 -1.74 15.11 18.01
C ASP A 223 -2.53 15.29 19.29
N ILE A 224 -2.35 14.39 20.26
CA ILE A 224 -3.05 14.52 21.52
C ILE A 224 -2.40 15.56 22.44
N ASN A 225 -1.23 16.07 22.05
CA ASN A 225 -0.53 17.08 22.85
C ASN A 225 -0.70 18.45 22.21
N LYS A 226 -1.75 19.12 22.68
CA LYS A 226 -2.14 20.44 22.23
C LYS A 226 -0.94 21.36 22.00
N ASP A 227 0.03 21.26 22.91
CA ASP A 227 1.27 22.04 22.91
C ASP A 227 2.01 21.97 21.58
N LYS A 228 1.93 20.84 20.89
CA LYS A 228 2.63 20.63 19.62
C LYS A 228 2.12 21.50 18.44
N PHE A 229 0.89 22.01 18.58
CA PHE A 229 0.27 22.79 17.52
C PHE A 229 0.95 24.02 16.97
N ALA A 230 1.47 24.91 17.83
CA ALA A 230 2.12 26.14 17.37
C ALA A 230 3.30 25.82 16.48
N LYS A 231 4.17 24.94 16.95
CA LYS A 231 5.33 24.57 16.17
C LYS A 231 4.88 23.96 14.82
N ALA A 232 3.85 23.10 14.87
CA ALA A 232 3.33 22.47 13.67
C ALA A 232 2.89 23.53 12.65
N LYS A 233 1.99 24.42 13.07
CA LYS A 233 1.48 25.49 12.21
C LYS A 233 2.68 26.27 11.69
N GLU A 234 3.62 26.47 12.60
CA GLU A 234 4.86 27.19 12.36
C GLU A 234 5.63 26.61 11.18
N VAL A 235 5.83 25.30 11.17
CA VAL A 235 6.56 24.70 10.06
C VAL A 235 5.73 24.57 8.79
N GLY A 236 4.41 24.63 8.92
CA GLY A 236 3.58 24.54 7.72
C GLY A 236 2.15 24.06 7.86
N ALA A 237 1.76 23.56 9.04
CA ALA A 237 0.40 23.08 9.26
C ALA A 237 -0.57 24.19 8.95
N THR A 238 -1.72 23.81 8.43
CA THR A 238 -2.79 24.72 8.06
C THR A 238 -3.78 24.74 9.18
N GLU A 239 -3.84 23.64 9.93
CA GLU A 239 -4.72 23.52 11.07
C GLU A 239 -4.29 22.36 11.88
N CYS A 240 -4.73 22.32 13.13
CA CYS A 240 -4.36 21.24 14.00
C CYS A 240 -5.56 20.71 14.75
N VAL A 241 -5.69 19.38 14.85
CA VAL A 241 -6.83 18.79 15.54
C VAL A 241 -6.33 17.86 16.62
N ASN A 242 -7.08 17.79 17.72
CA ASN A 242 -6.72 16.93 18.83
C ASN A 242 -7.85 15.95 19.12
N PRO A 243 -7.60 14.66 18.88
CA PRO A 243 -8.52 13.55 19.06
C PRO A 243 -9.46 13.68 20.24
N GLN A 244 -8.93 14.15 21.35
CA GLN A 244 -9.68 14.26 22.58
C GLN A 244 -10.72 15.35 22.63
N ASP A 245 -10.72 16.25 21.66
CA ASP A 245 -11.71 17.31 21.67
C ASP A 245 -13.02 16.86 21.09
N TYR A 246 -12.97 15.85 20.22
CA TYR A 246 -14.17 15.37 19.58
C TYR A 246 -14.84 14.21 20.30
N LYS A 247 -16.13 14.07 20.04
CA LYS A 247 -16.93 13.01 20.63
C LYS A 247 -17.09 11.93 19.58
N LYS A 248 -16.55 12.16 18.40
CA LYS A 248 -16.67 11.21 17.32
C LYS A 248 -15.29 10.85 16.78
N PRO A 249 -15.06 9.56 16.46
CA PRO A 249 -13.81 9.03 15.91
C PRO A 249 -13.04 9.99 15.00
N ILE A 250 -11.72 10.06 15.20
CA ILE A 250 -10.87 10.92 14.43
C ILE A 250 -10.99 10.77 12.91
N GLN A 251 -11.01 9.54 12.38
CA GLN A 251 -11.10 9.39 10.92
C GLN A 251 -12.38 10.02 10.42
N GLU A 252 -13.44 9.90 11.21
CA GLU A 252 -14.71 10.48 10.83
C GLU A 252 -14.57 12.00 10.74
N VAL A 253 -13.87 12.57 11.71
CA VAL A 253 -13.62 14.01 11.74
C VAL A 253 -12.79 14.41 10.52
N LEU A 254 -11.66 13.74 10.30
CA LEU A 254 -10.81 14.10 9.19
C LEU A 254 -11.59 13.99 7.89
N THR A 255 -12.28 12.87 7.68
CA THR A 255 -13.05 12.68 6.45
C THR A 255 -14.10 13.78 6.24
N GLU A 256 -14.85 14.10 7.30
CA GLU A 256 -15.87 15.14 7.19
C GLU A 256 -15.25 16.48 6.80
N MET A 257 -14.15 16.85 7.45
CA MET A 257 -13.51 18.13 7.12
C MET A 257 -12.74 18.17 5.82
N SER A 258 -12.38 17.00 5.31
CA SER A 258 -11.65 16.93 4.06
C SER A 258 -12.57 16.61 2.89
N ASN A 259 -13.87 16.66 3.15
CA ASN A 259 -14.89 16.37 2.15
C ASN A 259 -14.70 14.96 1.60
N GLY A 260 -14.86 13.99 2.50
CA GLY A 260 -14.74 12.61 2.11
C GLY A 260 -13.37 11.97 2.18
N GLY A 261 -12.37 12.69 2.67
CA GLY A 261 -11.05 12.08 2.80
C GLY A 261 -9.82 12.88 2.40
N VAL A 262 -8.70 12.60 3.04
CA VAL A 262 -7.44 13.28 2.75
C VAL A 262 -6.76 12.56 1.57
N ASP A 263 -5.88 13.28 0.88
CA ASP A 263 -5.15 12.71 -0.24
C ASP A 263 -4.00 11.84 0.22
N PHE A 264 -3.28 12.32 1.24
CA PHE A 264 -2.09 11.64 1.80
C PHE A 264 -2.09 11.68 3.31
N SER A 265 -2.12 10.53 3.96
CA SER A 265 -2.09 10.50 5.43
C SER A 265 -0.75 9.90 5.85
N PHE A 266 -0.26 10.31 7.02
CA PHE A 266 1.01 9.83 7.55
C PHE A 266 0.85 9.40 8.97
N GLU A 267 1.52 8.31 9.35
CA GLU A 267 1.46 7.88 10.73
C GLU A 267 2.87 7.96 11.31
N VAL A 268 3.13 8.96 12.15
CA VAL A 268 4.46 9.15 12.74
C VAL A 268 4.42 9.06 14.26
N ILE A 269 3.90 7.94 14.76
CA ILE A 269 3.76 7.71 16.20
C ILE A 269 4.27 6.31 16.52
N GLY A 270 3.77 5.33 15.77
CA GLY A 270 4.19 3.96 15.98
C GLY A 270 3.13 3.14 16.70
N ARG A 271 1.95 3.71 16.87
CA ARG A 271 0.82 3.02 17.50
C ARG A 271 0.04 2.24 16.43
N LEU A 272 -0.45 1.07 16.82
CA LEU A 272 -1.21 0.23 15.89
C LEU A 272 -2.52 0.90 15.46
N ASP A 273 -3.36 1.25 16.43
CA ASP A 273 -4.64 1.90 16.17
C ASP A 273 -4.60 3.14 15.25
N THR A 274 -3.56 3.95 15.40
CA THR A 274 -3.41 5.15 14.62
C THR A 274 -2.86 4.83 13.26
N MET A 275 -2.37 3.61 13.10
CA MET A 275 -1.83 3.17 11.81
C MET A 275 -3.03 2.87 10.91
N VAL A 276 -4.07 2.33 11.51
CA VAL A 276 -5.27 2.02 10.77
C VAL A 276 -6.04 3.30 10.53
N THR A 277 -6.28 4.03 11.60
CA THR A 277 -6.99 5.29 11.59
C THR A 277 -6.45 6.25 10.55
N ALA A 278 -5.14 6.22 10.35
CA ALA A 278 -4.53 7.09 9.39
C ALA A 278 -4.81 6.60 7.99
N LEU A 279 -5.05 5.29 7.86
CA LEU A 279 -5.35 4.62 6.56
C LEU A 279 -6.76 4.97 6.09
N SER A 280 -7.70 4.81 7.02
CA SER A 280 -9.12 5.04 6.85
C SER A 280 -9.50 6.51 6.63
N CYS A 281 -8.71 7.43 7.18
CA CYS A 281 -9.01 8.85 7.00
C CYS A 281 -8.59 9.38 5.64
N CYS A 282 -8.03 8.54 4.80
CA CYS A 282 -7.65 8.99 3.46
C CYS A 282 -8.67 8.52 2.40
N GLN A 283 -8.75 9.25 1.29
CA GLN A 283 -9.69 8.95 0.23
C GLN A 283 -9.74 7.49 -0.21
N GLU A 284 -10.91 6.88 -0.07
CA GLU A 284 -11.18 5.48 -0.40
C GLU A 284 -10.73 5.06 -1.79
N ALA A 285 -10.81 5.97 -2.74
CA ALA A 285 -10.46 5.59 -4.10
C ALA A 285 -9.07 5.94 -4.61
N TYR A 286 -8.36 6.84 -3.94
CA TYR A 286 -7.03 7.21 -4.39
C TYR A 286 -6.11 7.70 -3.26
N GLY A 287 -6.55 7.48 -2.02
CA GLY A 287 -5.77 7.91 -0.89
C GLY A 287 -4.53 7.03 -0.73
N VAL A 288 -3.47 7.61 -0.16
CA VAL A 288 -2.21 6.91 0.09
C VAL A 288 -1.86 7.15 1.54
N SER A 289 -1.58 6.10 2.29
CA SER A 289 -1.25 6.27 3.68
C SER A 289 0.10 5.63 3.87
N VAL A 290 1.03 6.41 4.41
CA VAL A 290 2.38 5.94 4.64
C VAL A 290 2.64 5.72 6.12
N ILE A 291 3.01 4.51 6.52
CA ILE A 291 3.31 4.29 7.93
C ILE A 291 4.81 4.59 8.16
N VAL A 292 5.06 5.51 9.08
CA VAL A 292 6.41 5.96 9.43
C VAL A 292 6.81 5.57 10.85
N GLY A 293 5.85 5.56 11.76
CA GLY A 293 6.14 5.17 13.12
C GLY A 293 6.58 3.72 13.13
N VAL A 294 7.33 3.34 14.15
CA VAL A 294 7.83 1.98 14.34
C VAL A 294 6.99 1.30 15.44
N PRO A 295 6.25 0.24 15.08
CA PRO A 295 5.39 -0.50 16.03
C PRO A 295 6.05 -1.40 17.09
N PRO A 296 5.28 -1.73 18.14
CA PRO A 296 5.71 -2.59 19.26
C PRO A 296 6.08 -4.02 18.86
N ASP A 297 7.39 -4.29 18.80
CA ASP A 297 7.96 -5.60 18.45
C ASP A 297 7.02 -6.53 17.70
N SER A 298 6.63 -7.62 18.36
CA SER A 298 5.77 -8.63 17.77
C SER A 298 4.29 -8.36 17.96
N GLN A 299 3.78 -7.31 17.34
CA GLN A 299 2.35 -7.03 17.43
C GLN A 299 1.76 -6.98 16.05
N ASN A 300 0.57 -7.56 15.93
CA ASN A 300 -0.16 -7.64 14.68
C ASN A 300 -1.36 -6.72 14.74
N LEU A 301 -1.60 -5.96 13.68
CA LEU A 301 -2.76 -5.08 13.69
C LEU A 301 -3.87 -5.68 12.87
N SER A 302 -5.11 -5.48 13.32
CA SER A 302 -6.27 -6.02 12.61
C SER A 302 -6.90 -4.93 11.77
N MET A 303 -7.18 -5.24 10.51
CA MET A 303 -7.78 -4.25 9.65
C MET A 303 -8.58 -4.90 8.54
N ASN A 304 -9.68 -4.24 8.15
CA ASN A 304 -10.57 -4.73 7.12
C ASN A 304 -9.98 -4.47 5.74
N PRO A 305 -9.64 -5.54 5.01
CA PRO A 305 -9.06 -5.39 3.66
C PRO A 305 -9.89 -4.60 2.67
N MET A 306 -11.20 -4.48 2.90
CA MET A 306 -12.02 -3.74 1.95
C MET A 306 -11.47 -2.32 1.82
N LEU A 307 -10.88 -1.80 2.92
CA LEU A 307 -10.26 -0.47 2.96
C LEU A 307 -9.33 -0.28 1.76
N LEU A 308 -8.62 -1.34 1.38
CA LEU A 308 -7.69 -1.28 0.27
C LEU A 308 -8.34 -1.64 -1.03
N LEU A 309 -9.37 -2.49 -1.00
CA LEU A 309 -10.04 -2.85 -2.25
C LEU A 309 -10.58 -1.63 -3.02
N SER A 310 -11.09 -0.65 -2.27
CA SER A 310 -11.64 0.60 -2.81
C SER A 310 -10.65 1.37 -3.70
N GLY A 311 -9.35 1.21 -3.43
CA GLY A 311 -8.31 1.88 -4.19
C GLY A 311 -7.17 2.46 -3.36
N ARG A 312 -7.28 2.36 -2.04
CA ARG A 312 -6.24 2.90 -1.19
C ARG A 312 -4.89 2.21 -1.32
N THR A 313 -3.83 2.97 -1.16
CA THR A 313 -2.49 2.42 -1.23
C THR A 313 -1.80 2.73 0.09
N TRP A 314 -1.37 1.66 0.76
CA TRP A 314 -0.68 1.67 2.05
C TRP A 314 0.79 1.45 1.81
N LYS A 315 1.60 2.40 2.24
CA LYS A 315 3.06 2.33 2.10
C LYS A 315 3.75 2.31 3.48
N GLY A 316 5.02 1.96 3.50
CA GLY A 316 5.75 1.93 4.74
C GLY A 316 7.16 2.27 4.34
N ALA A 317 7.94 2.85 5.25
CA ALA A 317 9.32 3.18 4.88
C ALA A 317 10.27 3.51 6.02
N ILE A 318 11.55 3.27 5.76
CA ILE A 318 12.61 3.57 6.70
C ILE A 318 13.55 4.55 6.03
N PHE A 319 13.88 5.60 6.77
CA PHE A 319 14.77 6.69 6.32
C PHE A 319 14.18 7.45 5.15
N GLY A 320 12.86 7.50 5.11
CA GLY A 320 12.13 8.22 4.06
C GLY A 320 12.43 7.79 2.65
N GLY A 321 12.86 6.55 2.51
CA GLY A 321 13.17 6.02 1.19
C GLY A 321 14.45 6.55 0.58
N PHE A 322 15.14 7.42 1.28
CA PHE A 322 16.38 7.95 0.77
C PHE A 322 17.44 6.87 0.73
N LYS A 323 18.19 6.82 -0.35
CA LYS A 323 19.25 5.85 -0.44
C LYS A 323 20.37 6.60 0.33
N SER A 324 20.65 6.13 1.54
CA SER A 324 21.66 6.72 2.44
C SER A 324 22.89 7.46 1.92
N LYS A 325 23.93 6.71 1.60
CA LYS A 325 25.15 7.37 1.17
C LYS A 325 25.04 8.40 0.06
N ASP A 326 24.18 8.18 -0.92
CA ASP A 326 24.08 9.19 -1.96
C ASP A 326 23.20 10.37 -1.56
N SER A 327 22.22 10.13 -0.69
CA SER A 327 21.29 11.18 -0.27
C SER A 327 21.80 12.24 0.75
N VAL A 328 22.30 11.77 1.90
CA VAL A 328 22.81 12.63 2.97
C VAL A 328 23.71 13.76 2.47
N PRO A 329 24.78 13.43 1.74
CA PRO A 329 25.65 14.51 1.24
C PRO A 329 24.84 15.55 0.49
N LYS A 330 23.98 15.09 -0.44
CA LYS A 330 23.18 16.01 -1.25
C LYS A 330 22.22 16.83 -0.43
N LEU A 331 21.68 16.24 0.62
CA LEU A 331 20.73 16.93 1.49
C LEU A 331 21.42 18.00 2.27
N VAL A 332 22.63 17.70 2.74
CA VAL A 332 23.42 18.66 3.52
C VAL A 332 23.65 19.88 2.66
N ALA A 333 24.06 19.65 1.42
CA ALA A 333 24.28 20.76 0.49
C ALA A 333 23.01 21.62 0.41
N ASP A 334 21.86 20.96 0.34
CA ASP A 334 20.63 21.71 0.26
C ASP A 334 20.43 22.53 1.50
N PHE A 335 20.92 22.05 2.64
CA PHE A 335 20.78 22.81 3.87
C PHE A 335 21.54 24.11 3.70
N MET A 336 22.80 23.95 3.28
CA MET A 336 23.70 25.06 3.07
C MET A 336 23.08 26.07 2.17
N ALA A 337 22.44 25.61 1.11
CA ALA A 337 21.80 26.50 0.15
C ALA A 337 20.59 27.21 0.72
N LYS A 338 20.24 26.88 1.94
CA LYS A 338 19.08 27.46 2.61
C LYS A 338 17.82 27.01 1.88
N LYS A 339 17.82 25.73 1.50
CA LYS A 339 16.71 25.12 0.80
C LYS A 339 15.64 24.63 1.80
N PHE A 340 16.04 24.52 3.06
CA PHE A 340 15.15 24.14 4.18
C PHE A 340 15.81 24.57 5.45
N ALA A 341 15.14 24.35 6.59
CA ALA A 341 15.69 24.76 7.88
C ALA A 341 15.47 23.76 8.99
N LEU A 342 16.54 23.45 9.73
CA LEU A 342 16.46 22.51 10.83
C LEU A 342 16.17 23.19 12.16
N ASP A 343 16.39 24.50 12.20
CA ASP A 343 16.18 25.24 13.46
C ASP A 343 14.90 24.96 14.23
N PRO A 344 13.73 25.11 13.59
CA PRO A 344 12.48 24.84 14.33
C PRO A 344 12.40 23.49 15.03
N LEU A 345 13.10 22.48 14.51
CA LEU A 345 13.02 21.15 15.10
C LEU A 345 13.80 21.01 16.41
N ILE A 346 14.78 21.88 16.57
CA ILE A 346 15.65 21.88 17.74
C ILE A 346 15.08 22.76 18.85
N THR A 347 14.81 22.17 20.01
CA THR A 347 14.27 22.92 21.13
C THR A 347 15.11 22.84 22.41
N HIS A 348 16.16 22.02 22.38
CA HIS A 348 17.04 21.85 23.53
C HIS A 348 18.36 21.38 22.97
N VAL A 349 19.46 21.70 23.66
CA VAL A 349 20.78 21.27 23.23
C VAL A 349 21.61 20.97 24.46
N LEU A 350 21.29 19.86 25.11
CA LEU A 350 22.00 19.50 26.31
C LEU A 350 23.35 18.86 26.00
N PRO A 351 24.23 18.77 27.01
CA PRO A 351 25.54 18.16 26.82
C PRO A 351 25.34 16.64 26.98
N PHE A 352 26.15 15.85 26.30
CA PHE A 352 26.05 14.40 26.34
C PHE A 352 25.75 13.81 27.71
N GLU A 353 26.51 14.24 28.70
CA GLU A 353 26.37 13.77 30.07
C GLU A 353 24.96 13.94 30.63
N LYS A 354 24.18 14.79 29.97
CA LYS A 354 22.81 15.04 30.39
C LYS A 354 21.81 14.19 29.60
N ILE A 355 22.30 13.15 28.92
CA ILE A 355 21.46 12.26 28.11
C ILE A 355 20.14 11.82 28.76
N ASN A 356 20.21 11.24 29.94
CA ASN A 356 18.99 10.82 30.62
C ASN A 356 17.95 11.93 30.75
N GLU A 357 18.40 13.18 30.78
CA GLU A 357 17.52 14.35 30.89
C GLU A 357 16.85 14.60 29.54
N GLY A 358 17.64 14.55 28.47
CA GLY A 358 17.11 14.77 27.14
C GLY A 358 16.03 13.76 26.84
N PHE A 359 16.16 12.59 27.44
CA PHE A 359 15.21 11.52 27.29
C PHE A 359 13.94 11.85 28.08
N ASP A 360 14.11 12.45 29.25
CA ASP A 360 12.95 12.84 30.08
C ASP A 360 12.17 13.91 29.33
N LEU A 361 12.88 14.83 28.70
CA LEU A 361 12.23 15.87 27.94
C LEU A 361 11.35 15.28 26.83
N LEU A 362 11.79 14.16 26.28
CA LEU A 362 11.05 13.49 25.22
C LEU A 362 9.81 12.94 25.85
N ARG A 363 10.01 11.98 26.74
CA ARG A 363 8.90 11.34 27.42
C ARG A 363 7.89 12.31 28.04
N SER A 364 8.32 13.52 28.38
CA SER A 364 7.40 14.45 29.01
C SER A 364 6.73 15.40 28.04
N GLY A 365 6.98 15.15 26.76
CA GLY A 365 6.38 15.92 25.69
C GLY A 365 6.72 17.37 25.60
N GLU A 366 7.75 17.81 26.30
CA GLU A 366 8.09 19.21 26.21
C GLU A 366 9.23 19.58 25.30
N SER A 367 9.72 18.59 24.57
CA SER A 367 10.78 18.83 23.62
C SER A 367 10.37 18.28 22.24
N ILE A 368 11.29 18.39 21.30
CA ILE A 368 11.13 17.91 19.94
C ILE A 368 12.53 17.31 19.72
N ARG A 369 13.43 18.07 19.11
CA ARG A 369 14.78 17.57 18.97
C ARG A 369 15.67 18.23 20.03
N THR A 370 16.26 17.40 20.89
CA THR A 370 17.20 17.83 21.94
C THR A 370 18.56 17.35 21.41
N ILE A 371 19.38 18.26 20.90
CA ILE A 371 20.70 17.93 20.36
C ILE A 371 21.71 17.80 21.51
N LEU A 372 22.32 16.62 21.65
CA LEU A 372 23.32 16.39 22.67
C LEU A 372 24.67 16.77 22.10
N THR A 373 25.36 17.63 22.81
CA THR A 373 26.68 18.09 22.37
C THR A 373 27.76 17.30 23.10
N PHE A 374 28.86 17.01 22.41
CA PHE A 374 29.97 16.25 23.01
C PHE A 374 31.14 17.10 23.45
N SER B 1 -38.89 -7.91 -25.94
CA SER B 1 -38.93 -7.27 -27.30
C SER B 1 -39.45 -5.82 -27.19
N THR B 2 -39.40 -5.10 -28.31
CA THR B 2 -39.87 -3.71 -28.48
C THR B 2 -40.81 -3.16 -27.41
N ALA B 3 -40.62 -1.91 -27.04
CA ALA B 3 -41.48 -1.35 -26.04
C ALA B 3 -41.33 0.14 -25.77
N GLY B 4 -42.12 0.53 -24.79
CA GLY B 4 -42.19 1.89 -24.28
C GLY B 4 -43.04 1.68 -23.04
N LYS B 5 -42.97 0.49 -22.46
CA LYS B 5 -43.72 0.18 -21.24
C LYS B 5 -43.23 -1.17 -20.70
N VAL B 6 -43.78 -1.57 -19.56
CA VAL B 6 -43.43 -2.83 -18.90
C VAL B 6 -43.21 -4.03 -19.84
N ILE B 7 -42.23 -4.85 -19.51
CA ILE B 7 -41.92 -6.04 -20.29
C ILE B 7 -41.92 -7.21 -19.32
N LYS B 8 -42.39 -8.38 -19.75
CA LYS B 8 -42.37 -9.55 -18.89
C LYS B 8 -41.31 -10.44 -19.52
N CYS B 9 -40.41 -11.00 -18.71
CA CYS B 9 -39.34 -11.87 -19.24
C CYS B 9 -38.75 -12.79 -18.17
N LYS B 10 -37.83 -13.67 -18.57
CA LYS B 10 -37.18 -14.59 -17.65
C LYS B 10 -35.98 -13.99 -16.96
N ALA B 11 -35.76 -14.40 -15.73
CA ALA B 11 -34.67 -13.88 -14.93
C ALA B 11 -34.26 -14.87 -13.85
N ALA B 12 -32.99 -14.86 -13.48
CA ALA B 12 -32.51 -15.75 -12.44
C ALA B 12 -32.71 -15.05 -11.11
N VAL B 13 -33.84 -15.28 -10.47
CA VAL B 13 -34.08 -14.63 -9.20
C VAL B 13 -33.40 -15.45 -8.12
N LEU B 14 -32.72 -14.78 -7.19
CA LEU B 14 -32.09 -15.48 -6.09
C LEU B 14 -32.90 -15.06 -4.87
N TRP B 15 -33.65 -16.01 -4.32
CA TRP B 15 -34.53 -15.71 -3.19
C TRP B 15 -33.88 -15.72 -1.82
N GLU B 16 -32.94 -16.62 -1.63
CA GLU B 16 -32.25 -16.74 -0.36
C GLU B 16 -30.84 -17.14 -0.72
N GLU B 17 -29.96 -17.09 0.27
CA GLU B 17 -28.55 -17.45 0.09
C GLU B 17 -28.43 -18.95 0.24
N LYS B 18 -27.36 -19.52 -0.31
CA LYS B 18 -27.08 -20.96 -0.23
C LYS B 18 -28.24 -21.75 -0.82
N LYS B 19 -28.87 -21.21 -1.85
CA LYS B 19 -29.98 -21.86 -2.51
C LYS B 19 -29.70 -21.67 -3.99
N PRO B 20 -30.42 -22.39 -4.85
CA PRO B 20 -30.12 -22.17 -6.27
C PRO B 20 -30.96 -21.02 -6.76
N PHE B 21 -30.68 -20.60 -7.98
CA PHE B 21 -31.44 -19.55 -8.59
C PHE B 21 -32.72 -20.18 -9.13
N SER B 22 -33.75 -19.35 -9.32
CA SER B 22 -35.02 -19.79 -9.86
C SER B 22 -35.26 -18.97 -11.08
N ILE B 23 -35.13 -19.56 -12.26
CA ILE B 23 -35.39 -18.82 -13.49
C ILE B 23 -36.90 -18.51 -13.50
N GLU B 24 -37.27 -17.23 -13.37
CA GLU B 24 -38.68 -16.83 -13.27
C GLU B 24 -39.11 -15.74 -14.25
N GLU B 25 -40.39 -15.39 -14.21
CA GLU B 25 -40.85 -14.34 -15.12
C GLU B 25 -40.87 -13.07 -14.29
N VAL B 26 -40.41 -11.97 -14.89
CA VAL B 26 -40.31 -10.68 -14.21
C VAL B 26 -40.88 -9.55 -15.08
N GLU B 27 -41.35 -8.49 -14.41
CA GLU B 27 -41.86 -7.32 -15.11
C GLU B 27 -40.73 -6.28 -15.05
N VAL B 28 -40.15 -5.98 -16.20
CA VAL B 28 -39.08 -5.02 -16.27
C VAL B 28 -39.64 -3.75 -16.84
N ALA B 29 -39.84 -2.78 -15.95
CA ALA B 29 -40.37 -1.46 -16.27
C ALA B 29 -39.57 -0.73 -17.35
N PRO B 30 -40.14 0.34 -17.92
CA PRO B 30 -39.40 1.06 -18.96
C PRO B 30 -38.38 2.01 -18.31
N PRO B 31 -37.37 2.43 -19.07
CA PRO B 31 -36.36 3.34 -18.54
C PRO B 31 -36.89 4.73 -18.25
N LYS B 32 -36.67 5.21 -17.04
CA LYS B 32 -37.09 6.56 -16.67
C LYS B 32 -36.13 7.58 -17.31
N ALA B 33 -36.13 8.80 -16.81
CA ALA B 33 -35.25 9.82 -17.36
C ALA B 33 -33.83 9.36 -17.11
N HIS B 34 -32.98 9.45 -18.12
CA HIS B 34 -31.56 9.08 -17.97
C HIS B 34 -31.18 7.62 -17.71
N GLU B 35 -32.07 6.67 -18.03
CA GLU B 35 -31.78 5.24 -17.86
C GLU B 35 -31.97 4.55 -19.20
N VAL B 36 -31.51 3.31 -19.29
CA VAL B 36 -31.64 2.56 -20.52
C VAL B 36 -32.02 1.09 -20.29
N ARG B 37 -32.92 0.56 -21.13
CA ARG B 37 -33.37 -0.82 -21.04
C ARG B 37 -32.51 -1.51 -22.07
N ILE B 38 -31.88 -2.62 -21.69
CA ILE B 38 -30.97 -3.34 -22.57
C ILE B 38 -31.38 -4.82 -22.66
N LYS B 39 -31.22 -5.38 -23.85
CA LYS B 39 -31.54 -6.78 -24.11
C LYS B 39 -30.22 -7.55 -24.00
N MET B 40 -30.13 -8.40 -22.98
CA MET B 40 -28.91 -9.16 -22.69
C MET B 40 -28.53 -10.24 -23.69
N VAL B 41 -27.42 -10.03 -24.40
CA VAL B 41 -26.96 -11.02 -25.35
C VAL B 41 -26.17 -12.14 -24.66
N ALA B 42 -25.15 -11.77 -23.88
CA ALA B 42 -24.32 -12.78 -23.22
C ALA B 42 -23.90 -12.37 -21.81
N THR B 43 -23.72 -13.35 -20.92
CA THR B 43 -23.35 -13.11 -19.53
C THR B 43 -22.28 -14.05 -18.98
N GLY B 44 -21.24 -13.45 -18.38
CA GLY B 44 -20.19 -14.24 -17.78
C GLY B 44 -20.51 -14.44 -16.31
N ILE B 45 -20.07 -15.57 -15.77
CA ILE B 45 -20.27 -15.84 -14.36
C ILE B 45 -18.95 -15.54 -13.68
N CYS B 46 -18.95 -14.51 -12.84
CA CYS B 46 -17.77 -14.11 -12.08
C CYS B 46 -17.95 -14.62 -10.65
N ARG B 47 -16.84 -14.89 -9.97
CA ARG B 47 -16.92 -15.41 -8.61
C ARG B 47 -17.75 -14.49 -7.70
N SER B 48 -17.78 -13.19 -8.00
CA SER B 48 -18.53 -12.23 -7.18
C SER B 48 -19.99 -12.56 -7.18
N ASP B 49 -20.48 -13.13 -8.28
CA ASP B 49 -21.88 -13.50 -8.35
C ASP B 49 -22.09 -14.63 -7.37
N ASP B 50 -21.11 -15.54 -7.31
CA ASP B 50 -21.16 -16.67 -6.37
C ASP B 50 -21.09 -16.21 -4.92
N HIS B 51 -20.38 -15.10 -4.68
CA HIS B 51 -20.27 -14.56 -3.33
C HIS B 51 -21.64 -14.14 -2.79
N VAL B 52 -22.44 -13.54 -3.65
CA VAL B 52 -23.76 -13.08 -3.24
C VAL B 52 -24.50 -14.24 -2.59
N VAL B 53 -24.62 -15.33 -3.35
CA VAL B 53 -25.31 -16.54 -2.92
C VAL B 53 -24.75 -17.13 -1.62
N SER B 54 -23.45 -17.36 -1.56
CA SER B 54 -22.87 -17.94 -0.35
C SER B 54 -22.88 -16.98 0.83
N GLY B 55 -23.30 -15.74 0.58
CA GLY B 55 -23.37 -14.74 1.65
C GLY B 55 -22.09 -14.00 2.02
N THR B 56 -21.04 -14.18 1.21
CA THR B 56 -19.77 -13.53 1.47
C THR B 56 -19.82 -12.09 0.99
N LEU B 57 -20.60 -11.83 -0.06
CA LEU B 57 -20.75 -10.46 -0.58
C LEU B 57 -22.19 -10.11 -0.21
N VAL B 58 -22.39 -9.42 0.91
CA VAL B 58 -23.73 -9.08 1.31
C VAL B 58 -24.36 -7.96 0.51
N THR B 59 -25.52 -8.26 -0.08
CA THR B 59 -26.34 -7.32 -0.86
C THR B 59 -27.79 -7.70 -0.56
N PRO B 60 -28.71 -6.74 -0.66
CA PRO B 60 -30.11 -7.08 -0.37
C PRO B 60 -30.76 -8.10 -1.31
N LEU B 61 -31.44 -9.06 -0.67
CA LEU B 61 -32.18 -10.17 -1.28
C LEU B 61 -33.70 -9.89 -1.16
N PRO B 62 -34.53 -10.39 -2.10
CA PRO B 62 -34.19 -11.17 -3.29
C PRO B 62 -33.48 -10.26 -4.28
N VAL B 63 -32.77 -10.83 -5.24
CA VAL B 63 -32.06 -9.99 -6.21
C VAL B 63 -31.72 -10.70 -7.51
N ILE B 64 -31.64 -9.93 -8.58
CA ILE B 64 -31.20 -10.48 -9.87
C ILE B 64 -29.69 -10.14 -9.92
N ALA B 65 -28.86 -11.15 -9.68
CA ALA B 65 -27.42 -10.95 -9.70
C ALA B 65 -26.87 -10.75 -11.15
N GLY B 66 -25.62 -11.14 -11.42
CA GLY B 66 -25.06 -10.99 -12.75
C GLY B 66 -24.56 -9.59 -12.96
N HIS B 67 -23.39 -9.42 -13.57
CA HIS B 67 -22.81 -8.07 -13.79
C HIS B 67 -21.79 -7.99 -14.93
N GLU B 68 -21.31 -9.14 -15.37
CA GLU B 68 -20.32 -9.21 -16.43
C GLU B 68 -21.10 -9.58 -17.66
N ALA B 69 -21.33 -8.63 -18.55
CA ALA B 69 -22.12 -8.94 -19.73
C ALA B 69 -22.11 -7.91 -20.83
N ALA B 70 -22.78 -8.24 -21.92
CA ALA B 70 -22.91 -7.37 -23.08
C ALA B 70 -24.32 -7.57 -23.63
N GLY B 71 -24.89 -6.54 -24.22
CA GLY B 71 -26.24 -6.63 -24.75
C GLY B 71 -26.46 -5.59 -25.82
N ILE B 72 -27.71 -5.30 -26.14
CA ILE B 72 -28.03 -4.31 -27.16
C ILE B 72 -29.11 -3.42 -26.60
N VAL B 73 -29.15 -2.16 -27.01
CA VAL B 73 -30.16 -1.24 -26.48
C VAL B 73 -31.56 -1.38 -27.09
N GLU B 74 -32.52 -1.77 -26.25
CA GLU B 74 -33.92 -1.93 -26.66
C GLU B 74 -34.62 -0.57 -26.68
N SER B 75 -34.44 0.23 -25.62
CA SER B 75 -35.01 1.57 -25.54
C SER B 75 -34.12 2.52 -24.71
N ILE B 76 -34.49 3.80 -24.72
CA ILE B 76 -33.78 4.90 -24.06
C ILE B 76 -34.74 5.82 -23.30
N GLY B 77 -34.42 6.17 -22.05
CA GLY B 77 -35.26 7.04 -21.24
C GLY B 77 -35.04 8.50 -21.52
N GLU B 78 -35.92 9.36 -21.00
CA GLU B 78 -35.84 10.81 -21.21
C GLU B 78 -34.49 11.47 -20.92
N GLY B 79 -33.90 12.05 -21.96
CA GLY B 79 -32.64 12.74 -21.80
C GLY B 79 -31.37 11.98 -22.12
N VAL B 80 -31.40 10.65 -22.07
CA VAL B 80 -30.21 9.86 -22.36
C VAL B 80 -29.61 10.42 -23.64
N THR B 81 -28.30 10.59 -23.67
CA THR B 81 -27.69 11.18 -24.84
C THR B 81 -26.45 10.42 -25.32
N THR B 82 -26.08 9.38 -24.58
CA THR B 82 -24.89 8.61 -24.88
C THR B 82 -25.06 7.36 -25.74
N VAL B 83 -26.18 6.66 -25.54
CA VAL B 83 -26.51 5.43 -26.29
C VAL B 83 -27.88 5.55 -26.94
N ARG B 84 -27.93 5.20 -28.22
CA ARG B 84 -29.15 5.19 -29.03
C ARG B 84 -29.64 3.73 -29.03
N PRO B 85 -30.93 3.50 -29.30
CA PRO B 85 -31.48 2.13 -29.33
C PRO B 85 -30.91 1.30 -30.48
N GLY B 86 -30.49 0.07 -30.19
CA GLY B 86 -29.93 -0.80 -31.21
C GLY B 86 -28.41 -0.81 -31.17
N ASP B 87 -27.87 -0.04 -30.22
CA ASP B 87 -26.44 0.05 -30.01
C ASP B 87 -26.01 -1.14 -29.17
N LYS B 88 -24.86 -1.74 -29.49
CA LYS B 88 -24.34 -2.84 -28.69
C LYS B 88 -23.71 -2.11 -27.51
N VAL B 89 -24.02 -2.52 -26.29
CA VAL B 89 -23.52 -1.81 -25.13
C VAL B 89 -23.03 -2.76 -24.02
N ILE B 90 -22.30 -2.22 -23.04
CA ILE B 90 -21.81 -3.03 -21.92
C ILE B 90 -22.15 -2.31 -20.62
N PRO B 91 -22.95 -2.93 -19.73
CA PRO B 91 -23.32 -2.34 -18.45
C PRO B 91 -22.02 -2.09 -17.71
N LEU B 92 -22.09 -1.37 -16.58
CA LEU B 92 -20.90 -1.09 -15.79
C LEU B 92 -21.21 -1.21 -14.30
N PHE B 93 -20.58 -2.17 -13.62
CA PHE B 93 -20.81 -2.33 -12.18
C PHE B 93 -20.13 -1.19 -11.39
N THR B 94 -19.24 -0.47 -12.05
CA THR B 94 -18.59 0.68 -11.47
C THR B 94 -18.93 1.76 -12.49
N PRO B 95 -19.81 2.69 -12.11
CA PRO B 95 -20.25 3.80 -12.98
C PRO B 95 -19.15 4.82 -13.29
N GLN B 96 -19.57 5.98 -13.79
CA GLN B 96 -18.66 7.07 -14.08
C GLN B 96 -19.49 8.32 -14.28
N CYS B 97 -20.14 8.72 -13.19
CA CYS B 97 -21.01 9.89 -13.17
C CYS B 97 -20.41 11.14 -13.74
N GLY B 98 -19.10 11.24 -13.73
CA GLY B 98 -18.44 12.43 -14.26
C GLY B 98 -18.48 13.69 -13.40
N LYS B 99 -19.11 13.63 -12.23
CA LYS B 99 -19.17 14.82 -11.37
C LYS B 99 -18.45 14.72 -10.02
N CYS B 100 -18.35 13.53 -9.45
CA CYS B 100 -17.69 13.34 -8.16
C CYS B 100 -16.18 13.46 -8.19
N ARG B 101 -15.60 13.58 -6.99
CA ARG B 101 -14.14 13.67 -6.75
C ARG B 101 -13.33 12.67 -7.55
N VAL B 102 -13.71 11.40 -7.42
CA VAL B 102 -13.04 10.30 -8.07
C VAL B 102 -13.01 10.38 -9.61
N CYS B 103 -14.13 10.72 -10.25
CA CYS B 103 -14.18 10.82 -11.71
C CYS B 103 -13.38 12.02 -12.17
N LYS B 104 -13.28 13.01 -11.29
CA LYS B 104 -12.51 14.23 -11.60
C LYS B 104 -11.01 13.96 -11.40
N HIS B 105 -10.70 13.09 -10.43
CA HIS B 105 -9.32 12.72 -10.15
C HIS B 105 -8.83 11.89 -11.31
N PRO B 106 -7.68 12.25 -11.88
CA PRO B 106 -7.11 11.53 -13.01
C PRO B 106 -6.78 10.06 -12.74
N GLU B 107 -6.62 9.70 -11.48
CA GLU B 107 -6.26 8.33 -11.14
C GLU B 107 -7.36 7.41 -10.60
N GLY B 108 -8.13 7.86 -9.62
CA GLY B 108 -9.21 7.03 -9.07
C GLY B 108 -10.34 6.68 -10.04
N ASN B 109 -10.93 5.50 -9.87
CA ASN B 109 -12.01 5.02 -10.75
C ASN B 109 -13.27 4.55 -9.99
N PHE B 110 -13.13 4.26 -8.70
CA PHE B 110 -14.24 3.83 -7.84
C PHE B 110 -15.17 5.02 -7.57
N CYS B 111 -16.04 5.30 -8.53
CA CYS B 111 -16.98 6.42 -8.46
C CYS B 111 -17.90 6.37 -7.24
N LEU B 112 -18.13 7.55 -6.66
CA LEU B 112 -18.97 7.63 -5.47
C LEU B 112 -20.41 7.20 -5.66
N LYS B 113 -20.79 6.95 -6.91
CA LYS B 113 -22.16 6.51 -7.22
C LYS B 113 -22.28 5.01 -7.42
N ASN B 114 -21.28 4.27 -6.97
CA ASN B 114 -21.24 2.82 -7.07
C ASN B 114 -22.23 2.24 -6.06
N ASP B 115 -22.57 0.96 -6.18
CA ASP B 115 -23.47 0.36 -5.18
C ASP B 115 -22.76 -0.82 -4.51
N LEU B 116 -21.43 -0.75 -4.48
CA LEU B 116 -20.62 -1.80 -3.87
C LEU B 116 -20.23 -1.52 -2.43
N SER B 117 -19.84 -0.29 -2.12
CA SER B 117 -19.45 0.03 -0.75
C SER B 117 -20.61 -0.35 0.14
N MET B 118 -21.75 0.31 -0.04
CA MET B 118 -22.94 0.03 0.75
C MET B 118 -24.12 -0.25 -0.16
N PRO B 119 -24.39 -1.53 -0.38
CA PRO B 119 -25.47 -2.01 -1.23
C PRO B 119 -26.85 -1.58 -0.79
N ARG B 120 -27.56 -0.92 -1.70
CA ARG B 120 -28.95 -0.51 -1.47
C ARG B 120 -29.78 -1.52 -2.25
N GLY B 121 -29.24 -1.94 -3.39
CA GLY B 121 -29.90 -2.91 -4.23
C GLY B 121 -31.03 -2.21 -4.94
N THR B 122 -30.78 -0.95 -5.27
CA THR B 122 -31.76 -0.14 -5.93
C THR B 122 -31.09 0.55 -7.09
N MET B 123 -31.87 1.43 -7.72
CA MET B 123 -31.44 2.20 -8.86
C MET B 123 -31.00 3.50 -8.22
N GLN B 124 -30.48 4.41 -9.01
CA GLN B 124 -30.05 5.70 -8.50
C GLN B 124 -31.22 6.44 -7.86
N ASP B 125 -32.41 6.21 -8.40
CA ASP B 125 -33.65 6.82 -7.91
C ASP B 125 -33.97 6.26 -6.54
N GLY B 126 -33.23 5.22 -6.17
CA GLY B 126 -33.45 4.59 -4.88
C GLY B 126 -34.67 3.72 -5.02
N THR B 127 -35.00 3.37 -6.26
CA THR B 127 -36.14 2.53 -6.57
C THR B 127 -35.74 1.30 -7.37
N SER B 128 -36.56 0.26 -7.33
CA SER B 128 -36.30 -0.95 -8.10
C SER B 128 -36.81 -0.77 -9.53
N ARG B 129 -36.89 -1.86 -10.26
CA ARG B 129 -37.33 -1.82 -11.64
C ARG B 129 -37.66 -3.26 -12.05
N PHE B 130 -37.81 -4.13 -11.03
CA PHE B 130 -38.13 -5.53 -11.21
C PHE B 130 -39.19 -5.93 -10.20
N THR B 131 -40.00 -6.91 -10.57
CA THR B 131 -41.06 -7.45 -9.73
C THR B 131 -41.22 -8.91 -10.17
N CYS B 132 -41.34 -9.80 -9.18
CA CYS B 132 -41.52 -11.23 -9.42
C CYS B 132 -42.56 -11.63 -8.38
N ARG B 133 -43.53 -12.45 -8.78
CA ARG B 133 -44.63 -12.82 -7.91
C ARG B 133 -45.27 -11.45 -7.77
N GLY B 134 -45.52 -10.97 -6.56
CA GLY B 134 -46.07 -9.64 -6.44
C GLY B 134 -45.01 -8.66 -5.96
N LYS B 135 -43.98 -9.23 -5.35
CA LYS B 135 -42.84 -8.53 -4.75
C LYS B 135 -41.77 -7.96 -5.70
N PRO B 136 -41.14 -6.82 -5.30
CA PRO B 136 -40.09 -6.10 -6.02
C PRO B 136 -38.72 -6.75 -5.79
N ILE B 137 -37.93 -6.87 -6.85
CA ILE B 137 -36.63 -7.52 -6.77
C ILE B 137 -35.48 -6.52 -6.90
N HIS B 138 -34.54 -6.64 -5.97
CA HIS B 138 -33.37 -5.77 -5.91
C HIS B 138 -32.48 -5.90 -7.11
N HIS B 139 -31.69 -4.85 -7.34
CA HIS B 139 -30.72 -4.81 -8.42
C HIS B 139 -29.38 -5.23 -7.79
N PHE B 140 -28.35 -5.37 -8.63
CA PHE B 140 -27.00 -5.75 -8.19
C PHE B 140 -26.04 -4.91 -8.96
N LEU B 141 -25.27 -4.10 -8.20
CA LEU B 141 -24.24 -3.18 -8.74
C LEU B 141 -24.80 -2.26 -9.81
N GLY B 142 -26.11 -2.07 -9.77
CA GLY B 142 -26.78 -1.22 -10.75
C GLY B 142 -26.65 -1.79 -12.14
N THR B 143 -26.43 -3.10 -12.21
CA THR B 143 -26.31 -3.79 -13.50
C THR B 143 -27.37 -4.88 -13.61
N SER B 144 -27.17 -5.96 -12.85
CA SER B 144 -28.06 -7.11 -12.85
C SER B 144 -28.18 -7.64 -14.28
N THR B 145 -27.31 -8.55 -14.68
CA THR B 145 -27.43 -9.06 -16.03
C THR B 145 -27.99 -10.47 -16.17
N PHE B 146 -28.43 -11.07 -15.07
CA PHE B 146 -29.01 -12.42 -15.17
C PHE B 146 -30.49 -12.31 -15.57
N SER B 147 -30.75 -11.60 -16.67
CA SER B 147 -32.08 -11.37 -17.18
C SER B 147 -31.99 -11.02 -18.63
N GLN B 148 -33.04 -11.35 -19.38
CA GLN B 148 -33.10 -11.06 -20.80
C GLN B 148 -33.16 -9.57 -21.01
N TYR B 149 -33.74 -8.89 -20.04
CA TYR B 149 -33.86 -7.46 -20.10
C TYR B 149 -33.45 -6.86 -18.80
N THR B 150 -32.83 -5.70 -18.88
CA THR B 150 -32.43 -4.98 -17.71
C THR B 150 -32.35 -3.51 -18.04
N VAL B 151 -32.42 -2.67 -17.03
CA VAL B 151 -32.32 -1.25 -17.26
C VAL B 151 -31.28 -0.68 -16.31
N VAL B 152 -30.25 -0.06 -16.88
CA VAL B 152 -29.18 0.54 -16.09
C VAL B 152 -29.13 2.04 -16.36
N ASP B 153 -28.58 2.80 -15.41
CA ASP B 153 -28.46 4.24 -15.56
C ASP B 153 -27.50 4.57 -16.72
N GLU B 154 -27.63 5.76 -17.29
CA GLU B 154 -26.77 6.20 -18.41
C GLU B 154 -25.33 6.24 -17.89
N ILE B 155 -25.26 6.47 -16.57
CA ILE B 155 -24.05 6.57 -15.76
C ILE B 155 -23.30 5.21 -15.77
N SER B 156 -24.05 4.14 -15.95
CA SER B 156 -23.47 2.82 -15.91
C SER B 156 -23.62 2.04 -17.21
N VAL B 157 -23.40 2.70 -18.35
CA VAL B 157 -23.52 2.01 -19.63
C VAL B 157 -22.45 2.51 -20.57
N ALA B 158 -21.95 1.64 -21.43
CA ALA B 158 -20.89 2.02 -22.36
C ALA B 158 -21.12 1.51 -23.79
N LYS B 159 -21.20 2.44 -24.73
CA LYS B 159 -21.42 2.11 -26.12
C LYS B 159 -20.17 1.40 -26.63
N ILE B 160 -20.36 0.22 -27.21
CA ILE B 160 -19.28 -0.63 -27.72
C ILE B 160 -19.36 -0.76 -29.24
N ASP B 161 -18.22 -0.90 -29.89
CA ASP B 161 -18.12 -1.06 -31.35
C ASP B 161 -19.23 -1.95 -31.87
N ALA B 162 -19.87 -1.50 -32.95
CA ALA B 162 -20.96 -2.24 -33.56
C ALA B 162 -20.58 -3.63 -34.02
N ALA B 163 -19.35 -3.82 -34.45
CA ALA B 163 -18.96 -5.15 -34.91
C ALA B 163 -18.39 -6.03 -33.79
N SER B 164 -18.71 -5.71 -32.55
CA SER B 164 -18.16 -6.49 -31.45
C SER B 164 -18.77 -7.86 -31.27
N PRO B 165 -17.93 -8.88 -31.09
CA PRO B 165 -18.48 -10.21 -30.88
C PRO B 165 -18.91 -10.22 -29.44
N LEU B 166 -20.09 -9.67 -29.18
CA LEU B 166 -20.62 -9.58 -27.83
C LEU B 166 -20.49 -10.84 -26.98
N GLU B 167 -20.18 -11.98 -27.61
CA GLU B 167 -20.05 -13.24 -26.89
C GLU B 167 -18.65 -13.49 -26.34
N LYS B 168 -17.73 -12.60 -26.70
CA LYS B 168 -16.34 -12.66 -26.25
C LYS B 168 -16.17 -11.43 -25.37
N VAL B 169 -16.46 -10.27 -25.96
CA VAL B 169 -16.34 -8.98 -25.33
C VAL B 169 -17.11 -8.75 -24.02
N CYS B 170 -17.96 -9.67 -23.59
CA CYS B 170 -18.66 -9.39 -22.34
C CYS B 170 -17.72 -9.53 -21.13
N LEU B 171 -16.67 -10.33 -21.31
CA LEU B 171 -15.67 -10.58 -20.28
C LEU B 171 -15.01 -9.26 -19.87
N ILE B 172 -14.84 -8.37 -20.84
CA ILE B 172 -14.23 -7.07 -20.64
C ILE B 172 -15.05 -6.22 -19.65
N GLY B 173 -16.21 -6.70 -19.25
CA GLY B 173 -17.03 -5.95 -18.31
C GLY B 173 -16.70 -6.24 -16.87
N CYS B 174 -15.76 -7.15 -16.65
CA CYS B 174 -15.32 -7.51 -15.29
C CYS B 174 -14.05 -8.34 -15.40
N GLY B 175 -14.19 -9.66 -15.33
CA GLY B 175 -13.04 -10.54 -15.39
C GLY B 175 -11.73 -10.10 -16.05
N PHE B 176 -11.76 -9.71 -17.32
CA PHE B 176 -10.51 -9.35 -17.98
C PHE B 176 -10.01 -7.99 -17.59
N SER B 177 -10.83 -6.99 -17.83
CA SER B 177 -10.47 -5.63 -17.51
C SER B 177 -9.96 -5.51 -16.09
N THR B 178 -10.48 -6.32 -15.16
CA THR B 178 -9.99 -6.22 -13.79
C THR B 178 -8.55 -6.75 -13.71
N GLY B 179 -8.35 -8.03 -14.04
CA GLY B 179 -7.03 -8.63 -13.99
C GLY B 179 -6.00 -7.96 -14.86
N TYR B 180 -6.36 -7.64 -16.09
CA TYR B 180 -5.44 -6.98 -17.00
C TYR B 180 -5.13 -5.58 -16.50
N GLY B 181 -6.12 -4.92 -15.90
CA GLY B 181 -5.95 -3.57 -15.40
C GLY B 181 -5.24 -3.55 -14.06
N SER B 182 -5.34 -4.62 -13.29
CA SER B 182 -4.63 -4.67 -12.02
C SER B 182 -3.14 -4.65 -12.37
N ALA B 183 -2.71 -5.56 -13.23
CA ALA B 183 -1.31 -5.65 -13.64
C ALA B 183 -0.77 -4.44 -14.39
N VAL B 184 -1.41 -4.04 -15.48
CA VAL B 184 -0.92 -2.93 -16.29
C VAL B 184 -1.26 -1.55 -15.73
N LYS B 185 -2.34 -1.46 -14.97
CA LYS B 185 -2.73 -0.16 -14.45
C LYS B 185 -2.47 0.07 -12.98
N VAL B 186 -3.10 -0.69 -12.08
CA VAL B 186 -2.84 -0.43 -10.68
C VAL B 186 -1.40 -0.76 -10.27
N ALA B 187 -1.00 -2.02 -10.30
CA ALA B 187 0.36 -2.39 -9.89
C ALA B 187 1.45 -1.83 -10.77
N LYS B 188 1.16 -1.65 -12.05
CA LYS B 188 2.14 -1.15 -13.01
C LYS B 188 3.37 -2.07 -13.13
N VAL B 189 3.14 -3.28 -13.64
CA VAL B 189 4.18 -4.27 -13.82
C VAL B 189 5.17 -3.75 -14.87
N THR B 190 6.47 -3.96 -14.63
CA THR B 190 7.57 -3.50 -15.50
C THR B 190 8.35 -4.58 -16.24
N GLN B 191 8.86 -4.25 -17.42
CA GLN B 191 9.61 -5.22 -18.19
C GLN B 191 10.74 -5.78 -17.37
N GLY B 192 10.84 -7.09 -17.29
CA GLY B 192 11.92 -7.71 -16.57
C GLY B 192 11.57 -8.19 -15.18
N SER B 193 10.50 -7.67 -14.60
CA SER B 193 10.14 -8.06 -13.25
C SER B 193 9.79 -9.52 -13.07
N THR B 194 9.35 -9.84 -11.85
CA THR B 194 8.96 -11.19 -11.50
C THR B 194 7.71 -11.02 -10.64
N CYS B 195 6.58 -11.50 -11.15
CA CYS B 195 5.31 -11.40 -10.46
C CYS B 195 4.88 -12.76 -9.95
N ALA B 196 3.88 -12.76 -9.08
CA ALA B 196 3.34 -13.98 -8.52
C ALA B 196 1.84 -13.71 -8.45
N VAL B 197 1.05 -14.66 -8.91
CA VAL B 197 -0.39 -14.51 -8.88
C VAL B 197 -1.02 -15.62 -8.06
N PHE B 198 -1.90 -15.25 -7.15
CA PHE B 198 -2.56 -16.23 -6.31
C PHE B 198 -3.99 -16.32 -6.73
N GLY B 199 -4.32 -17.42 -7.39
CA GLY B 199 -5.66 -17.64 -7.89
C GLY B 199 -5.52 -17.70 -9.37
N LEU B 200 -5.79 -18.87 -9.94
CA LEU B 200 -5.70 -19.04 -11.38
C LEU B 200 -7.07 -19.14 -12.08
N GLY B 201 -8.01 -18.35 -11.56
CA GLY B 201 -9.34 -18.29 -12.13
C GLY B 201 -9.34 -17.38 -13.35
N GLY B 202 -10.51 -16.87 -13.70
CA GLY B 202 -10.65 -16.00 -14.86
C GLY B 202 -9.90 -14.69 -14.75
N VAL B 203 -10.02 -14.06 -13.58
CA VAL B 203 -9.33 -12.80 -13.36
C VAL B 203 -7.83 -13.09 -13.19
N GLY B 204 -7.51 -14.13 -12.42
CA GLY B 204 -6.12 -14.51 -12.22
C GLY B 204 -5.42 -14.66 -13.56
N LEU B 205 -6.01 -15.46 -14.44
CA LEU B 205 -5.45 -15.68 -15.78
C LEU B 205 -5.37 -14.37 -16.51
N SER B 206 -6.26 -13.45 -16.17
CA SER B 206 -6.25 -12.16 -16.83
C SER B 206 -5.08 -11.31 -16.32
N VAL B 207 -4.74 -11.44 -15.03
CA VAL B 207 -3.60 -10.70 -14.47
C VAL B 207 -2.35 -11.22 -15.19
N ILE B 208 -2.19 -12.53 -15.28
CA ILE B 208 -1.06 -13.12 -16.00
C ILE B 208 -1.01 -12.51 -17.43
N MET B 209 -2.18 -12.22 -17.98
CA MET B 209 -2.27 -11.61 -19.29
C MET B 209 -1.67 -10.21 -19.26
N GLY B 210 -1.94 -9.50 -18.16
CA GLY B 210 -1.41 -8.15 -18.01
C GLY B 210 0.08 -8.19 -17.80
N CYS B 211 0.53 -8.93 -16.79
CA CYS B 211 1.97 -9.05 -16.49
C CYS B 211 2.74 -9.33 -17.75
N LYS B 212 2.27 -10.33 -18.51
CA LYS B 212 2.93 -10.71 -19.77
C LYS B 212 2.87 -9.59 -20.78
N ALA B 213 1.88 -8.72 -20.64
CA ALA B 213 1.77 -7.58 -21.53
C ALA B 213 2.71 -6.50 -20.99
N ALA B 214 2.91 -6.49 -19.68
CA ALA B 214 3.78 -5.53 -19.03
C ALA B 214 5.27 -5.89 -19.21
N GLY B 215 5.54 -7.15 -19.57
CA GLY B 215 6.90 -7.57 -19.79
C GLY B 215 7.57 -8.31 -18.64
N ALA B 216 6.79 -8.80 -17.68
CA ALA B 216 7.35 -9.51 -16.54
C ALA B 216 8.18 -10.64 -17.07
N ALA B 217 9.36 -10.86 -16.50
CA ALA B 217 10.21 -11.96 -16.97
C ALA B 217 9.77 -13.29 -16.36
N ARG B 218 9.24 -13.26 -15.15
CA ARG B 218 8.79 -14.47 -14.51
C ARG B 218 7.39 -14.23 -14.05
N ILE B 219 6.59 -15.30 -14.09
CA ILE B 219 5.20 -15.27 -13.69
C ILE B 219 4.89 -16.59 -12.97
N ILE B 220 4.87 -16.54 -11.64
CA ILE B 220 4.62 -17.70 -10.80
C ILE B 220 3.14 -17.80 -10.43
N GLY B 221 2.43 -18.74 -11.03
CA GLY B 221 1.04 -18.91 -10.69
C GLY B 221 0.98 -19.85 -9.50
N VAL B 222 0.16 -19.51 -8.53
CA VAL B 222 0.00 -20.32 -7.33
C VAL B 222 -1.50 -20.66 -7.23
N ASP B 223 -1.82 -21.93 -6.98
CA ASP B 223 -3.22 -22.36 -6.87
C ASP B 223 -3.29 -23.77 -6.23
N ILE B 224 -4.29 -24.04 -5.39
CA ILE B 224 -4.44 -25.38 -4.80
C ILE B 224 -5.11 -26.37 -5.78
N ASN B 225 -5.34 -25.93 -7.02
CA ASN B 225 -5.96 -26.79 -8.00
C ASN B 225 -5.00 -27.00 -9.15
N LYS B 226 -4.30 -28.12 -9.09
CA LYS B 226 -3.31 -28.46 -10.11
C LYS B 226 -3.80 -28.28 -11.52
N ASP B 227 -5.09 -28.55 -11.74
CA ASP B 227 -5.64 -28.43 -13.07
C ASP B 227 -5.59 -27.05 -13.70
N LYS B 228 -5.55 -26.02 -12.87
CA LYS B 228 -5.49 -24.66 -13.40
C LYS B 228 -4.13 -24.38 -14.02
N PHE B 229 -3.13 -25.19 -13.66
CA PHE B 229 -1.78 -24.93 -14.17
C PHE B 229 -1.58 -24.79 -15.68
N ALA B 230 -2.18 -25.66 -16.48
CA ALA B 230 -1.96 -25.55 -17.93
C ALA B 230 -2.51 -24.27 -18.58
N LYS B 231 -3.75 -23.89 -18.23
CA LYS B 231 -4.33 -22.66 -18.78
C LYS B 231 -3.39 -21.51 -18.46
N ALA B 232 -2.89 -21.52 -17.22
CA ALA B 232 -1.96 -20.51 -16.71
C ALA B 232 -0.76 -20.37 -17.66
N LYS B 233 0.03 -21.44 -17.74
CA LYS B 233 1.21 -21.44 -18.60
C LYS B 233 0.85 -21.04 -20.03
N GLU B 234 -0.34 -21.45 -20.47
CA GLU B 234 -0.78 -21.12 -21.81
C GLU B 234 -0.91 -19.63 -22.05
N VAL B 235 -1.53 -18.93 -21.10
CA VAL B 235 -1.72 -17.50 -21.23
C VAL B 235 -0.46 -16.66 -20.93
N GLY B 236 0.44 -17.18 -20.09
CA GLY B 236 1.64 -16.41 -19.79
C GLY B 236 2.57 -16.88 -18.69
N ALA B 237 2.08 -17.66 -17.73
CA ALA B 237 2.90 -18.12 -16.62
C ALA B 237 4.21 -18.71 -17.06
N THR B 238 5.20 -18.70 -16.16
CA THR B 238 6.51 -19.30 -16.44
C THR B 238 6.64 -20.57 -15.60
N GLU B 239 5.85 -20.66 -14.53
CA GLU B 239 5.85 -21.86 -13.70
C GLU B 239 4.65 -21.79 -12.82
N CYS B 240 4.26 -22.92 -12.24
CA CYS B 240 3.11 -22.94 -11.37
C CYS B 240 3.42 -23.76 -10.14
N VAL B 241 2.97 -23.28 -8.99
CA VAL B 241 3.28 -23.88 -7.71
C VAL B 241 2.03 -24.20 -6.91
N ASN B 242 1.96 -25.40 -6.33
CA ASN B 242 0.79 -25.72 -5.53
C ASN B 242 1.18 -25.87 -4.08
N PRO B 243 0.64 -24.99 -3.22
CA PRO B 243 0.86 -24.94 -1.79
C PRO B 243 0.91 -26.31 -1.13
N GLN B 244 0.02 -27.20 -1.52
CA GLN B 244 -0.03 -28.50 -0.89
C GLN B 244 1.11 -29.49 -1.18
N ASP B 245 1.94 -29.18 -2.16
CA ASP B 245 3.07 -30.05 -2.47
C ASP B 245 4.23 -29.84 -1.49
N TYR B 246 4.26 -28.67 -0.83
CA TYR B 246 5.35 -28.31 0.05
C TYR B 246 5.14 -28.47 1.54
N LYS B 247 6.24 -28.70 2.23
CA LYS B 247 6.25 -28.87 3.66
C LYS B 247 6.57 -27.53 4.37
N LYS B 248 6.89 -26.50 3.60
CA LYS B 248 7.19 -25.20 4.19
C LYS B 248 6.31 -24.14 3.51
N PRO B 249 5.81 -23.16 4.28
CA PRO B 249 4.95 -22.08 3.83
C PRO B 249 5.29 -21.56 2.45
N ILE B 250 4.24 -21.21 1.71
CA ILE B 250 4.36 -20.76 0.34
C ILE B 250 5.14 -19.48 0.18
N GLN B 251 4.99 -18.53 1.13
CA GLN B 251 5.77 -17.29 1.04
C GLN B 251 7.24 -17.66 1.11
N GLU B 252 7.57 -18.63 1.98
CA GLU B 252 8.97 -19.06 2.07
C GLU B 252 9.39 -19.69 0.76
N VAL B 253 8.56 -20.59 0.23
CA VAL B 253 8.85 -21.25 -1.02
C VAL B 253 9.03 -20.19 -2.12
N LEU B 254 8.21 -19.15 -2.07
CA LEU B 254 8.27 -18.08 -3.07
C LEU B 254 9.48 -17.14 -2.94
N THR B 255 9.79 -16.73 -1.71
CA THR B 255 10.94 -15.88 -1.44
C THR B 255 12.23 -16.61 -1.92
N GLU B 256 12.40 -17.86 -1.46
CA GLU B 256 13.55 -18.67 -1.86
C GLU B 256 13.63 -18.69 -3.39
N MET B 257 12.50 -18.98 -4.03
CA MET B 257 12.39 -19.05 -5.49
C MET B 257 12.78 -17.76 -6.15
N SER B 258 12.33 -16.66 -5.60
CA SER B 258 12.60 -15.37 -6.20
C SER B 258 13.93 -14.76 -5.81
N ASN B 259 14.70 -15.48 -5.01
CA ASN B 259 15.99 -14.99 -4.54
C ASN B 259 15.68 -13.79 -3.66
N GLY B 260 14.85 -14.03 -2.65
CA GLY B 260 14.52 -12.98 -1.72
C GLY B 260 13.13 -12.39 -1.78
N GLY B 261 12.35 -12.71 -2.81
CA GLY B 261 11.01 -12.16 -2.89
C GLY B 261 10.57 -11.68 -4.27
N VAL B 262 9.25 -11.52 -4.41
CA VAL B 262 8.66 -11.09 -5.67
C VAL B 262 8.69 -9.58 -5.91
N ASP B 263 8.65 -9.19 -7.18
CA ASP B 263 8.62 -7.78 -7.52
C ASP B 263 7.21 -7.24 -7.33
N PHE B 264 6.23 -7.98 -7.86
CA PHE B 264 4.81 -7.65 -7.78
C PHE B 264 4.06 -8.95 -7.58
N SER B 265 3.25 -9.04 -6.54
CA SER B 265 2.50 -10.24 -6.27
C SER B 265 1.03 -9.79 -6.21
N PHE B 266 0.11 -10.71 -6.54
CA PHE B 266 -1.31 -10.39 -6.59
C PHE B 266 -2.19 -11.41 -5.86
N GLU B 267 -3.21 -10.93 -5.13
CA GLU B 267 -4.14 -11.83 -4.45
C GLU B 267 -5.48 -11.79 -5.25
N VAL B 268 -5.72 -12.82 -6.04
CA VAL B 268 -6.93 -12.85 -6.82
C VAL B 268 -7.71 -14.13 -6.48
N ILE B 269 -8.11 -14.21 -5.22
CA ILE B 269 -8.81 -15.35 -4.67
C ILE B 269 -9.91 -14.84 -3.75
N GLY B 270 -9.55 -14.21 -2.64
CA GLY B 270 -10.56 -13.66 -1.75
C GLY B 270 -10.43 -13.98 -0.27
N ARG B 271 -9.39 -14.70 0.11
CA ARG B 271 -9.20 -15.06 1.53
C ARG B 271 -8.15 -14.24 2.23
N LEU B 272 -8.41 -13.95 3.50
CA LEU B 272 -7.53 -13.16 4.34
C LEU B 272 -6.11 -13.64 4.40
N ASP B 273 -5.93 -14.91 4.78
CA ASP B 273 -4.61 -15.53 4.88
C ASP B 273 -3.71 -15.40 3.66
N THR B 274 -4.29 -15.56 2.48
CA THR B 274 -3.55 -15.47 1.23
C THR B 274 -3.28 -14.01 0.87
N MET B 275 -4.01 -13.12 1.53
CA MET B 275 -3.83 -11.70 1.31
C MET B 275 -2.51 -11.29 1.94
N VAL B 276 -2.27 -11.81 3.15
CA VAL B 276 -1.03 -11.56 3.85
C VAL B 276 0.11 -12.28 3.12
N THR B 277 -0.06 -13.58 2.87
CA THR B 277 0.95 -14.39 2.19
C THR B 277 1.45 -13.81 0.90
N ALA B 278 0.58 -13.06 0.22
CA ALA B 278 0.90 -12.44 -1.06
C ALA B 278 1.75 -11.23 -0.80
N LEU B 279 1.46 -10.53 0.29
CA LEU B 279 2.22 -9.34 0.69
C LEU B 279 3.63 -9.77 1.11
N SER B 280 3.70 -10.67 2.10
CA SER B 280 4.95 -11.17 2.63
C SER B 280 5.85 -11.76 1.55
N CYS B 281 5.28 -12.43 0.56
CA CYS B 281 6.09 -13.04 -0.47
C CYS B 281 6.70 -12.07 -1.48
N CYS B 282 6.43 -10.77 -1.33
CA CYS B 282 7.07 -9.83 -2.25
C CYS B 282 8.24 -9.11 -1.55
N GLN B 283 9.23 -8.71 -2.34
CA GLN B 283 10.42 -8.05 -1.82
C GLN B 283 10.14 -6.96 -0.76
N GLU B 284 10.62 -7.25 0.46
CA GLU B 284 10.48 -6.39 1.64
C GLU B 284 10.77 -4.94 1.43
N ALA B 285 11.66 -4.62 0.51
CA ALA B 285 12.04 -3.22 0.24
C ALA B 285 11.42 -2.48 -0.95
N TYR B 286 10.83 -3.19 -1.89
CA TYR B 286 10.22 -2.49 -3.02
C TYR B 286 9.16 -3.35 -3.74
N GLY B 287 8.65 -4.36 -3.05
CA GLY B 287 7.65 -5.21 -3.64
C GLY B 287 6.30 -4.55 -3.47
N VAL B 288 5.40 -4.75 -4.43
CA VAL B 288 4.06 -4.19 -4.40
C VAL B 288 3.09 -5.36 -4.44
N SER B 289 2.10 -5.39 -3.55
CA SER B 289 1.13 -6.47 -3.57
C SER B 289 -0.22 -5.86 -3.88
N VAL B 290 -0.91 -6.37 -4.90
CA VAL B 290 -2.24 -5.85 -5.24
C VAL B 290 -3.39 -6.82 -4.87
N ILE B 291 -4.21 -6.43 -3.90
CA ILE B 291 -5.37 -7.19 -3.45
C ILE B 291 -6.48 -7.07 -4.49
N VAL B 292 -6.89 -8.19 -5.08
CA VAL B 292 -7.95 -8.18 -6.11
C VAL B 292 -9.17 -8.96 -5.66
N GLY B 293 -8.96 -10.03 -4.90
CA GLY B 293 -10.09 -10.82 -4.46
C GLY B 293 -10.94 -10.01 -3.52
N VAL B 294 -12.20 -10.39 -3.36
CA VAL B 294 -13.11 -9.70 -2.47
C VAL B 294 -13.24 -10.62 -1.27
N PRO B 295 -12.88 -10.14 -0.06
CA PRO B 295 -12.96 -10.95 1.18
C PRO B 295 -14.40 -11.16 1.70
N PRO B 296 -14.58 -12.06 2.67
CA PRO B 296 -15.85 -12.42 3.30
C PRO B 296 -16.50 -11.41 4.26
N ASP B 297 -17.38 -10.57 3.71
CA ASP B 297 -18.10 -9.53 4.46
C ASP B 297 -17.32 -8.74 5.54
N SER B 298 -17.72 -8.90 6.81
CA SER B 298 -17.10 -8.16 7.92
C SER B 298 -15.97 -8.91 8.63
N GLN B 299 -14.95 -9.28 7.87
CA GLN B 299 -13.83 -9.99 8.45
C GLN B 299 -12.58 -9.17 8.41
N ASN B 300 -11.91 -9.15 9.55
CA ASN B 300 -10.67 -8.43 9.71
C ASN B 300 -9.46 -9.35 9.60
N LEU B 301 -8.43 -8.86 8.94
CA LEU B 301 -7.21 -9.63 8.81
C LEU B 301 -6.21 -9.09 9.84
N SER B 302 -5.27 -9.92 10.27
CA SER B 302 -4.23 -9.53 11.20
C SER B 302 -2.93 -9.71 10.43
N MET B 303 -2.07 -8.69 10.46
CA MET B 303 -0.78 -8.71 9.78
C MET B 303 0.12 -7.77 10.56
N ASN B 304 1.41 -8.07 10.57
CA ASN B 304 2.36 -7.26 11.30
C ASN B 304 2.84 -6.12 10.43
N PRO B 305 2.73 -4.90 10.93
CA PRO B 305 3.15 -3.73 10.16
C PRO B 305 4.59 -3.62 9.64
N MET B 306 5.52 -4.36 10.24
CA MET B 306 6.90 -4.25 9.78
C MET B 306 7.01 -4.62 8.31
N LEU B 307 6.09 -5.45 7.84
CA LEU B 307 6.09 -5.84 6.44
C LEU B 307 6.01 -4.58 5.59
N LEU B 308 5.30 -3.57 6.07
CA LEU B 308 5.13 -2.32 5.33
C LEU B 308 6.32 -1.40 5.52
N LEU B 309 6.73 -1.23 6.77
CA LEU B 309 7.84 -0.36 7.14
C LEU B 309 9.07 -0.53 6.30
N SER B 310 9.41 -1.77 6.01
CA SER B 310 10.56 -2.09 5.18
C SER B 310 10.51 -1.39 3.81
N GLY B 311 9.28 -1.05 3.37
CA GLY B 311 9.11 -0.39 2.09
C GLY B 311 8.10 -1.05 1.17
N ARG B 312 7.39 -2.05 1.67
CA ARG B 312 6.42 -2.71 0.83
C ARG B 312 5.18 -1.84 0.66
N THR B 313 4.61 -1.86 -0.53
CA THR B 313 3.38 -1.11 -0.74
C THR B 313 2.25 -2.07 -1.11
N TRP B 314 1.15 -1.93 -0.37
CA TRP B 314 -0.06 -2.72 -0.49
C TRP B 314 -1.17 -1.87 -1.16
N LYS B 315 -1.64 -2.30 -2.32
CA LYS B 315 -2.73 -1.59 -3.01
C LYS B 315 -3.89 -2.55 -3.18
N GLY B 316 -5.06 -1.97 -3.45
CA GLY B 316 -6.26 -2.75 -3.67
C GLY B 316 -6.88 -2.01 -4.82
N ALA B 317 -7.77 -2.63 -5.56
CA ALA B 317 -8.39 -1.94 -6.68
C ALA B 317 -9.65 -2.62 -7.19
N ILE B 318 -10.59 -1.82 -7.67
CA ILE B 318 -11.82 -2.38 -8.22
C ILE B 318 -11.93 -2.01 -9.68
N PHE B 319 -12.25 -3.02 -10.49
CA PHE B 319 -12.35 -2.90 -11.94
C PHE B 319 -11.01 -2.65 -12.56
N GLY B 320 -9.95 -3.02 -11.83
CA GLY B 320 -8.59 -2.85 -12.32
C GLY B 320 -8.11 -1.41 -12.50
N GLY B 321 -8.64 -0.52 -11.69
CA GLY B 321 -8.27 0.89 -11.74
C GLY B 321 -8.87 1.69 -12.88
N PHE B 322 -9.36 0.97 -13.88
CA PHE B 322 -9.95 1.56 -15.08
C PHE B 322 -11.16 2.47 -14.83
N LYS B 323 -11.21 3.60 -15.54
CA LYS B 323 -12.37 4.49 -15.43
C LYS B 323 -13.38 3.94 -16.43
N SER B 324 -14.33 3.17 -15.88
CA SER B 324 -15.37 2.44 -16.60
C SER B 324 -15.87 2.92 -17.95
N LYS B 325 -16.58 4.06 -17.98
CA LYS B 325 -17.11 4.55 -19.26
C LYS B 325 -16.10 4.89 -20.33
N ASP B 326 -14.92 5.31 -19.94
CA ASP B 326 -13.93 5.68 -20.95
C ASP B 326 -13.17 4.46 -21.38
N SER B 327 -12.87 3.61 -20.42
CA SER B 327 -12.09 2.41 -20.65
C SER B 327 -12.71 1.34 -21.52
N VAL B 328 -13.88 0.82 -21.14
CA VAL B 328 -14.49 -0.27 -21.90
C VAL B 328 -14.54 -0.10 -23.40
N PRO B 329 -15.05 1.03 -23.90
CA PRO B 329 -15.08 1.13 -25.37
C PRO B 329 -13.68 1.07 -25.98
N LYS B 330 -12.72 1.69 -25.29
CA LYS B 330 -11.33 1.74 -25.73
C LYS B 330 -10.76 0.31 -25.70
N LEU B 331 -11.08 -0.41 -24.62
CA LEU B 331 -10.62 -1.78 -24.44
C LEU B 331 -11.13 -2.71 -25.55
N VAL B 332 -12.42 -2.54 -25.90
CA VAL B 332 -13.07 -3.32 -26.95
C VAL B 332 -12.37 -3.10 -28.29
N ALA B 333 -11.99 -1.85 -28.56
CA ALA B 333 -11.30 -1.50 -29.79
C ALA B 333 -9.99 -2.26 -29.88
N ASP B 334 -9.34 -2.43 -28.74
CA ASP B 334 -8.10 -3.16 -28.69
C ASP B 334 -8.38 -4.62 -28.99
N PHE B 335 -9.46 -5.16 -28.42
CA PHE B 335 -9.80 -6.56 -28.68
C PHE B 335 -9.97 -6.73 -30.17
N MET B 336 -10.59 -5.74 -30.81
CA MET B 336 -10.81 -5.74 -32.26
C MET B 336 -9.46 -5.80 -33.00
N ALA B 337 -8.55 -4.93 -32.60
CA ALA B 337 -7.23 -4.86 -33.21
C ALA B 337 -6.42 -6.13 -32.99
N LYS B 338 -6.91 -6.98 -32.09
CA LYS B 338 -6.26 -8.25 -31.77
C LYS B 338 -5.02 -8.01 -30.90
N LYS B 339 -5.13 -7.04 -30.00
CA LYS B 339 -4.03 -6.70 -29.09
C LYS B 339 -4.07 -7.63 -27.89
N PHE B 340 -5.10 -8.46 -27.84
CA PHE B 340 -5.27 -9.45 -26.78
C PHE B 340 -6.31 -10.47 -27.23
N ALA B 341 -6.54 -11.50 -26.41
CA ALA B 341 -7.48 -12.54 -26.77
C ALA B 341 -8.20 -13.08 -25.55
N LEU B 342 -9.54 -13.05 -25.60
CA LEU B 342 -10.35 -13.53 -24.48
C LEU B 342 -10.61 -15.03 -24.52
N ASP B 343 -10.32 -15.68 -25.64
CA ASP B 343 -10.61 -17.11 -25.77
C ASP B 343 -10.17 -18.03 -24.65
N PRO B 344 -8.90 -17.96 -24.26
CA PRO B 344 -8.38 -18.80 -23.19
C PRO B 344 -9.11 -18.71 -21.85
N LEU B 345 -9.93 -17.70 -21.66
CA LEU B 345 -10.69 -17.54 -20.42
C LEU B 345 -11.99 -18.34 -20.55
N ILE B 346 -12.44 -18.50 -21.78
CA ILE B 346 -13.70 -19.19 -22.08
C ILE B 346 -13.58 -20.72 -22.15
N THR B 347 -14.19 -21.40 -21.18
CA THR B 347 -14.16 -22.85 -21.13
C THR B 347 -15.54 -23.53 -21.29
N HIS B 348 -16.62 -22.74 -21.19
CA HIS B 348 -17.99 -23.24 -21.31
C HIS B 348 -18.88 -22.10 -21.78
N VAL B 349 -19.98 -22.44 -22.47
CA VAL B 349 -20.93 -21.46 -22.96
C VAL B 349 -22.34 -22.02 -22.91
N LEU B 350 -22.86 -22.20 -21.70
CA LEU B 350 -24.22 -22.73 -21.51
C LEU B 350 -25.29 -21.68 -21.85
N PRO B 351 -26.56 -22.10 -21.89
CA PRO B 351 -27.59 -21.10 -22.19
C PRO B 351 -28.17 -20.63 -20.84
N PHE B 352 -28.52 -19.35 -20.78
CA PHE B 352 -29.05 -18.74 -19.56
C PHE B 352 -29.76 -19.69 -18.59
N GLU B 353 -30.76 -20.38 -19.09
CA GLU B 353 -31.54 -21.29 -18.27
C GLU B 353 -30.75 -22.34 -17.48
N LYS B 354 -29.52 -22.63 -17.91
CA LYS B 354 -28.67 -23.61 -17.24
C LYS B 354 -27.67 -22.89 -16.31
N ILE B 355 -28.04 -21.68 -15.90
CA ILE B 355 -27.23 -20.85 -15.01
C ILE B 355 -26.72 -21.66 -13.80
N ASN B 356 -27.64 -22.22 -13.03
CA ASN B 356 -27.26 -23.03 -11.87
C ASN B 356 -26.17 -24.05 -12.21
N GLU B 357 -26.11 -24.49 -13.46
CA GLU B 357 -25.11 -25.47 -13.82
C GLU B 357 -23.75 -24.79 -13.98
N GLY B 358 -23.72 -23.63 -14.64
CA GLY B 358 -22.47 -22.90 -14.83
C GLY B 358 -21.83 -22.51 -13.51
N PHE B 359 -22.65 -22.33 -12.49
CA PHE B 359 -22.20 -21.99 -11.15
C PHE B 359 -21.64 -23.23 -10.49
N ASP B 360 -22.17 -24.38 -10.89
CA ASP B 360 -21.72 -25.66 -10.37
C ASP B 360 -20.35 -25.96 -10.96
N LEU B 361 -20.15 -25.57 -12.21
CA LEU B 361 -18.87 -25.79 -12.84
C LEU B 361 -17.78 -24.96 -12.12
N LEU B 362 -18.18 -23.75 -11.68
CA LEU B 362 -17.28 -22.81 -11.00
C LEU B 362 -16.78 -23.45 -9.72
N ARG B 363 -17.70 -23.59 -8.78
CA ARG B 363 -17.45 -24.15 -7.47
C ARG B 363 -16.83 -25.55 -7.45
N SER B 364 -16.82 -26.23 -8.59
CA SER B 364 -16.23 -27.57 -8.66
C SER B 364 -14.80 -27.46 -9.14
N GLY B 365 -14.49 -26.35 -9.81
CA GLY B 365 -13.16 -26.13 -10.31
C GLY B 365 -12.89 -26.63 -11.71
N GLU B 366 -13.93 -27.03 -12.44
CA GLU B 366 -13.69 -27.52 -13.79
C GLU B 366 -13.88 -26.50 -14.89
N SER B 367 -14.26 -25.29 -14.51
CA SER B 367 -14.43 -24.22 -15.49
C SER B 367 -13.63 -23.00 -15.13
N ILE B 368 -13.65 -22.02 -16.02
CA ILE B 368 -12.98 -20.76 -15.79
C ILE B 368 -14.11 -19.82 -16.17
N ARG B 369 -14.07 -19.17 -17.32
CA ARG B 369 -15.19 -18.33 -17.66
C ARG B 369 -16.22 -19.16 -18.44
N THR B 370 -17.45 -19.17 -17.92
CA THR B 370 -18.55 -19.89 -18.55
C THR B 370 -19.60 -18.86 -19.01
N ILE B 371 -19.69 -18.67 -20.33
CA ILE B 371 -20.59 -17.70 -20.94
C ILE B 371 -22.05 -18.11 -21.15
N LEU B 372 -22.95 -17.52 -20.39
CA LEU B 372 -24.37 -17.80 -20.54
C LEU B 372 -24.87 -17.05 -21.78
N THR B 373 -25.41 -17.77 -22.77
CA THR B 373 -25.97 -17.11 -23.94
C THR B 373 -27.48 -17.02 -23.74
N PHE B 374 -28.08 -15.93 -24.23
CA PHE B 374 -29.51 -15.64 -24.09
C PHE B 374 -30.41 -15.88 -25.32
#